data_5U9O
#
_entry.id   5U9O
#
_cell.length_a   61.227
_cell.length_b   80.192
_cell.length_c   84.070
_cell.angle_alpha   88.360
_cell.angle_beta   80.990
_cell.angle_gamma   83.490
#
_symmetry.space_group_name_H-M   'P 1'
#
_entity_poly.entity_id   1
_entity_poly.type   'polypeptide(L)'
_entity_poly.pdbx_seq_one_letter_code
;MGHHHHHHLVPRGSHKRPMDTEEAEELVRQWENVKAEALGPTHQVYSLSEVLDESMLVQWQTLAQTAEAKSCYWRFVLLH
LEVLQAHIFEDGIAGEAAEIEALLEEAAELVDESQPKNAKYYSTYKIRYILKKQEDGLWKFCQSDIQIQKGSGSGSGSGS
GSRKTYGRDKSSADRSLDHLDVMMARG
;
_entity_poly.pdbx_strand_id   A,B,C,D,E,F,G,H
#
# COMPACT_ATOMS: atom_id res chain seq x y z
N GLY A 13 14.24 36.60 -13.30
CA GLY A 13 14.90 36.87 -14.56
C GLY A 13 15.86 35.74 -14.87
N SER A 14 16.37 35.73 -16.10
CA SER A 14 17.03 34.55 -16.67
C SER A 14 16.20 33.29 -16.41
N HIS A 15 14.87 33.42 -16.47
CA HIS A 15 13.96 32.30 -16.20
C HIS A 15 14.13 31.80 -14.76
N LYS A 16 13.77 32.65 -13.80
CA LYS A 16 13.68 32.24 -12.39
C LYS A 16 12.28 32.63 -11.92
N ARG A 17 11.49 31.66 -11.51
CA ARG A 17 10.13 31.94 -11.07
C ARG A 17 9.81 31.04 -9.89
N PRO A 18 8.91 31.46 -9.00
CA PRO A 18 8.60 30.62 -7.82
C PRO A 18 7.80 29.40 -8.22
N MET A 19 8.11 28.28 -7.57
CA MET A 19 7.30 27.08 -7.65
C MET A 19 6.07 27.23 -6.75
N ASP A 20 5.00 26.53 -7.10
CA ASP A 20 3.81 26.55 -6.26
C ASP A 20 4.11 25.92 -4.90
N THR A 21 3.72 26.59 -3.82
CA THR A 21 3.93 26.00 -2.49
C THR A 21 3.18 24.69 -2.37
N GLU A 22 1.99 24.60 -2.98
CA GLU A 22 1.34 23.31 -3.13
C GLU A 22 2.19 22.35 -3.95
N GLU A 23 2.69 22.79 -5.11
CA GLU A 23 3.61 21.94 -5.85
C GLU A 23 4.76 21.47 -4.96
N ALA A 24 5.19 22.30 -4.03
CA ALA A 24 6.32 21.95 -3.16
C ALA A 24 5.90 20.95 -2.08
N GLU A 25 5.00 21.37 -1.19
CA GLU A 25 4.61 20.53 -0.05
C GLU A 25 4.19 19.13 -0.50
N GLU A 26 3.27 19.04 -1.47
CA GLU A 26 2.90 17.72 -1.96
C GLU A 26 4.03 17.05 -2.74
N LEU A 27 5.01 17.81 -3.21
CA LEU A 27 6.19 17.19 -3.80
C LEU A 27 7.13 16.69 -2.72
N VAL A 28 7.42 17.53 -1.72
CA VAL A 28 8.36 17.15 -0.67
C VAL A 28 7.84 15.93 0.07
N ARG A 29 6.58 15.99 0.54
CA ARG A 29 6.00 14.88 1.29
C ARG A 29 6.19 13.57 0.56
N GLN A 30 6.30 13.61 -0.77
CA GLN A 30 6.63 12.41 -1.53
C GLN A 30 8.02 11.89 -1.22
N TRP A 31 8.98 12.80 -1.02
CA TRP A 31 10.31 12.35 -0.62
C TRP A 31 10.27 11.72 0.77
N GLU A 32 9.61 12.39 1.74
CA GLU A 32 9.54 11.82 3.09
C GLU A 32 8.84 10.47 3.10
N ASN A 33 7.82 10.29 2.27
CA ASN A 33 7.25 8.96 2.14
C ASN A 33 8.26 7.98 1.59
N VAL A 34 9.09 8.43 0.63
CA VAL A 34 10.15 7.57 0.12
C VAL A 34 11.17 7.24 1.21
N LYS A 35 11.57 8.24 2.01
CA LYS A 35 12.60 7.98 3.02
C LYS A 35 12.09 7.01 4.08
N ALA A 36 10.82 7.14 4.49
CA ALA A 36 10.28 6.20 5.45
C ALA A 36 10.23 4.78 4.89
N GLU A 37 9.87 4.65 3.60
CA GLU A 37 9.86 3.34 2.95
C GLU A 37 11.25 2.77 2.80
N ALA A 38 12.22 3.62 2.45
CA ALA A 38 13.56 3.10 2.20
C ALA A 38 14.31 2.82 3.50
N LEU A 39 14.14 3.65 4.50
CA LEU A 39 14.85 3.48 5.76
C LEU A 39 14.03 2.81 6.84
N GLY A 40 12.79 2.45 6.56
CA GLY A 40 11.98 1.71 7.50
C GLY A 40 12.18 0.22 7.37
N PRO A 41 11.42 -0.55 8.14
CA PRO A 41 11.55 -2.01 8.11
C PRO A 41 11.24 -2.62 6.74
N THR A 42 10.43 -1.94 5.93
CA THR A 42 10.09 -2.42 4.60
C THR A 42 11.29 -2.40 3.66
N HIS A 43 12.23 -1.50 3.91
CA HIS A 43 13.51 -1.46 3.21
C HIS A 43 13.31 -1.43 1.70
N GLN A 44 12.58 -0.43 1.23
CA GLN A 44 12.35 -0.35 -0.21
C GLN A 44 13.53 0.46 -0.73
N VAL A 45 14.50 -0.22 -1.32
CA VAL A 45 15.64 0.49 -1.87
C VAL A 45 15.27 1.03 -3.24
N TYR A 46 14.45 0.27 -3.98
CA TYR A 46 13.94 0.76 -5.25
C TYR A 46 13.15 2.04 -5.06
N SER A 47 12.51 2.21 -3.89
CA SER A 47 11.72 3.41 -3.64
C SER A 47 12.59 4.65 -3.72
N LEU A 48 13.87 4.53 -3.38
CA LEU A 48 14.78 5.67 -3.42
C LEU A 48 14.89 6.24 -4.82
N SER A 49 14.96 5.36 -5.83
CA SER A 49 15.16 5.83 -7.20
C SER A 49 13.96 6.57 -7.74
N GLU A 50 12.78 6.44 -7.11
CA GLU A 50 11.58 7.08 -7.63
C GLU A 50 11.72 8.60 -7.64
N VAL A 51 11.93 9.20 -6.46
CA VAL A 51 11.99 10.65 -6.33
C VAL A 51 13.42 11.18 -6.25
N LEU A 52 14.43 10.32 -6.34
CA LEU A 52 15.82 10.73 -6.25
C LEU A 52 16.57 10.39 -7.52
N ASP A 53 17.70 11.06 -7.72
CA ASP A 53 18.65 10.64 -8.75
C ASP A 53 19.99 11.30 -8.47
N GLU A 54 20.97 10.95 -9.30
CA GLU A 54 22.32 11.52 -9.28
C GLU A 54 22.89 11.46 -7.87
N SER A 55 23.18 12.61 -7.27
CA SER A 55 23.91 12.63 -6.00
C SER A 55 23.07 12.09 -4.84
N MET A 56 21.92 12.71 -4.59
CA MET A 56 21.13 12.35 -3.42
C MET A 56 20.78 10.88 -3.42
N LEU A 57 20.52 10.32 -4.60
CA LEU A 57 20.23 8.90 -4.69
C LEU A 57 21.36 8.08 -4.09
N VAL A 58 22.58 8.22 -4.63
CA VAL A 58 23.67 7.33 -4.25
C VAL A 58 23.98 7.47 -2.77
N GLN A 59 23.85 8.69 -2.22
CA GLN A 59 23.98 8.85 -0.77
C GLN A 59 22.92 8.02 -0.06
N TRP A 60 21.65 8.27 -0.36
CA TRP A 60 20.58 7.61 0.38
C TRP A 60 20.44 6.16 -0.03
N GLN A 61 20.78 5.82 -1.27
CA GLN A 61 20.78 4.42 -1.67
C GLN A 61 21.75 3.64 -0.82
N THR A 62 22.97 4.14 -0.67
CA THR A 62 23.97 3.43 0.15
C THR A 62 23.49 3.30 1.59
N LEU A 63 22.81 4.32 2.11
CA LEU A 63 22.32 4.23 3.49
C LEU A 63 21.24 3.16 3.61
N ALA A 64 20.17 3.26 2.81
CA ALA A 64 19.13 2.25 2.88
C ALA A 64 19.67 0.88 2.50
N GLN A 65 20.69 0.82 1.66
CA GLN A 65 21.38 -0.45 1.43
C GLN A 65 22.16 -0.87 2.66
N THR A 66 22.85 0.08 3.32
CA THR A 66 23.54 -0.23 4.56
C THR A 66 22.57 -0.69 5.63
N ALA A 67 21.48 0.06 5.84
CA ALA A 67 20.52 -0.30 6.87
C ALA A 67 19.89 -1.66 6.59
N GLU A 68 19.81 -2.05 5.30
CA GLU A 68 19.28 -3.36 4.96
C GLU A 68 20.23 -4.47 5.38
N ALA A 69 21.51 -4.34 5.02
CA ALA A 69 22.49 -5.37 5.34
C ALA A 69 22.79 -5.41 6.83
N LYS A 70 22.67 -4.27 7.53
CA LYS A 70 22.82 -4.28 8.98
C LYS A 70 21.49 -4.49 9.70
N SER A 71 20.41 -4.67 8.96
CA SER A 71 19.09 -4.99 9.50
C SER A 71 18.59 -3.93 10.49
N CYS A 72 19.06 -2.70 10.37
CA CYS A 72 18.54 -1.59 11.15
C CYS A 72 17.52 -0.85 10.30
N TYR A 73 16.47 -0.35 10.95
CA TYR A 73 15.47 0.41 10.24
C TYR A 73 15.09 1.65 11.04
N TRP A 74 14.54 2.63 10.33
CA TRP A 74 14.13 3.90 10.92
C TRP A 74 12.61 3.97 11.01
N ARG A 75 12.12 4.25 12.21
CA ARG A 75 10.71 4.55 12.46
C ARG A 75 10.56 6.06 12.39
N PHE A 76 9.69 6.55 11.51
CA PHE A 76 9.48 7.98 11.32
C PHE A 76 8.08 8.39 11.75
N VAL A 77 7.99 9.41 12.60
CA VAL A 77 6.80 10.26 12.67
C VAL A 77 7.24 11.65 12.23
N LEU A 78 6.54 12.21 11.25
CA LEU A 78 6.85 13.53 10.72
C LEU A 78 5.76 14.49 11.14
N LEU A 79 6.10 15.42 12.02
CA LEU A 79 5.15 16.43 12.46
C LEU A 79 4.99 17.42 11.31
N HIS A 80 4.32 18.54 11.56
CA HIS A 80 3.95 19.40 10.44
C HIS A 80 5.17 19.82 9.63
N LEU A 81 5.06 19.66 8.32
CA LEU A 81 6.05 20.13 7.36
C LEU A 81 5.59 21.47 6.81
N GLU A 82 6.52 22.41 6.71
CA GLU A 82 6.26 23.71 6.12
C GLU A 82 7.28 23.99 5.03
N VAL A 83 6.82 24.65 3.98
CA VAL A 83 7.68 25.13 2.90
C VAL A 83 8.02 26.58 3.20
N LEU A 84 9.30 26.83 3.45
CA LEU A 84 9.76 28.20 3.70
C LEU A 84 9.88 28.98 2.40
N GLN A 85 10.52 28.37 1.40
CA GLN A 85 10.79 29.03 0.12
C GLN A 85 10.80 27.98 -0.97
N ALA A 86 10.25 28.34 -2.13
CA ALA A 86 10.22 27.48 -3.30
C ALA A 86 10.49 28.34 -4.53
N HIS A 87 11.47 27.93 -5.35
CA HIS A 87 11.85 28.69 -6.53
C HIS A 87 12.21 27.71 -7.65
N ILE A 88 11.99 28.13 -8.89
CA ILE A 88 12.31 27.35 -10.08
C ILE A 88 13.46 28.04 -10.81
N PHE A 89 14.58 27.34 -10.95
CA PHE A 89 15.71 27.82 -11.73
C PHE A 89 15.48 27.39 -13.20
N GLU A 90 16.31 27.90 -14.15
CA GLU A 90 16.38 27.26 -15.48
C GLU A 90 17.70 26.53 -15.70
N ASP A 91 17.62 25.37 -16.35
CA ASP A 91 18.71 24.57 -16.91
C ASP A 91 18.54 24.25 -18.38
N GLY A 92 19.60 24.56 -19.17
CA GLY A 92 19.79 23.89 -20.45
C GLY A 92 18.75 24.35 -21.43
N ILE A 93 17.81 23.46 -21.64
CA ILE A 93 16.51 23.77 -22.24
C ILE A 93 15.84 24.73 -21.25
N ALA A 94 14.55 25.05 -21.45
CA ALA A 94 13.93 26.13 -20.68
C ALA A 94 13.53 25.75 -19.26
N GLY A 95 13.28 24.48 -18.97
CA GLY A 95 12.76 24.00 -17.68
C GLY A 95 13.81 23.33 -16.81
N GLU A 96 13.38 22.30 -16.09
CA GLU A 96 14.24 21.29 -15.43
C GLU A 96 15.26 21.87 -14.45
N ALA A 97 14.78 22.65 -13.48
CA ALA A 97 15.58 22.98 -12.31
C ALA A 97 14.67 23.47 -11.20
N ALA A 98 15.17 23.42 -9.96
CA ALA A 98 14.49 24.03 -8.83
C ALA A 98 15.34 23.91 -7.58
N GLU A 99 15.08 24.82 -6.65
CA GLU A 99 15.73 24.87 -5.33
C GLU A 99 14.65 25.22 -4.33
N ILE A 100 14.37 24.32 -3.39
CA ILE A 100 13.27 24.54 -2.45
C ILE A 100 13.73 24.19 -1.04
N GLU A 101 13.50 25.12 -0.11
CA GLU A 101 13.96 25.02 1.27
C GLU A 101 12.73 24.81 2.14
N ALA A 102 12.67 23.67 2.82
CA ALA A 102 11.53 23.36 3.67
C ALA A 102 11.98 23.15 5.11
N LEU A 103 11.09 23.46 6.04
CA LEU A 103 11.34 23.32 7.47
C LEU A 103 10.71 22.00 7.91
N LEU A 104 11.54 21.03 8.26
CA LEU A 104 11.11 19.69 8.59
C LEU A 104 11.13 19.49 10.11
N GLU A 105 9.97 19.18 10.67
CA GLU A 105 9.85 18.91 12.11
C GLU A 105 9.46 17.44 12.28
N GLU A 106 10.40 16.61 12.71
CA GLU A 106 10.12 15.18 12.73
C GLU A 106 10.81 14.53 13.92
N ALA A 107 10.30 13.36 14.28
CA ALA A 107 10.91 12.49 15.27
C ALA A 107 11.19 11.14 14.64
N ALA A 108 12.46 10.74 14.63
CA ALA A 108 12.87 9.47 14.05
C ALA A 108 13.49 8.61 15.14
N GLU A 109 13.06 7.36 15.20
CA GLU A 109 13.64 6.34 16.06
C GLU A 109 14.36 5.32 15.20
N LEU A 110 15.66 5.20 15.36
CA LEU A 110 16.41 4.19 14.61
C LEU A 110 16.36 2.88 15.40
N VAL A 111 15.76 1.86 14.82
CA VAL A 111 15.71 0.56 15.46
C VAL A 111 16.93 -0.20 14.99
N ASP A 112 17.88 -0.38 15.89
CA ASP A 112 19.10 -1.14 15.64
C ASP A 112 19.14 -2.20 16.72
N GLU A 113 19.12 -3.47 16.29
CA GLU A 113 19.14 -4.55 17.26
C GLU A 113 20.38 -4.47 18.13
N SER A 114 21.56 -4.48 17.50
CA SER A 114 22.82 -4.61 18.22
C SER A 114 22.92 -3.65 19.41
N GLN A 115 22.59 -2.38 19.20
CA GLN A 115 22.67 -1.42 20.29
C GLN A 115 21.54 -1.65 21.29
N PRO A 116 21.79 -1.35 22.58
CA PRO A 116 20.80 -1.75 23.61
C PRO A 116 19.42 -1.14 23.43
N LYS A 117 19.32 0.15 23.14
CA LYS A 117 18.02 0.77 22.86
C LYS A 117 18.04 1.46 21.50
N ASN A 118 16.88 1.49 20.86
CA ASN A 118 16.68 2.33 19.69
C ASN A 118 16.80 3.79 20.11
N ALA A 119 17.71 4.52 19.48
CA ALA A 119 17.90 5.92 19.78
C ALA A 119 17.00 6.74 18.86
N LYS A 120 16.15 7.55 19.47
CA LYS A 120 15.30 8.46 18.74
C LYS A 120 16.09 9.70 18.32
N TYR A 121 15.40 10.61 17.62
CA TYR A 121 15.77 12.02 17.64
C TYR A 121 14.52 12.85 17.37
N TYR A 122 14.58 14.10 17.80
CA TYR A 122 13.59 15.12 17.51
C TYR A 122 14.33 16.34 16.98
N SER A 123 14.13 16.66 15.71
CA SER A 123 14.87 17.74 15.09
C SER A 123 13.93 18.55 14.22
N THR A 124 13.85 19.86 14.51
CA THR A 124 13.24 20.82 13.61
C THR A 124 14.38 21.47 12.84
N TYR A 125 14.33 21.39 11.52
CA TYR A 125 15.48 21.84 10.75
C TYR A 125 15.07 22.24 9.34
N LYS A 126 15.88 23.11 8.75
CA LYS A 126 15.67 23.62 7.41
C LYS A 126 16.65 22.93 6.47
N ILE A 127 16.16 22.48 5.32
CA ILE A 127 16.98 21.75 4.35
C ILE A 127 16.71 22.28 2.95
N ARG A 128 17.76 22.35 2.14
CA ARG A 128 17.69 22.79 0.75
C ARG A 128 17.72 21.57 -0.17
N TYR A 129 16.73 21.45 -1.04
CA TYR A 129 16.68 20.39 -2.03
C TYR A 129 16.94 20.94 -3.43
N ILE A 130 17.48 20.07 -4.28
CA ILE A 130 17.68 20.37 -5.70
C ILE A 130 16.93 19.32 -6.50
N LEU A 131 16.08 19.79 -7.42
CA LEU A 131 15.13 18.95 -8.13
C LEU A 131 15.21 19.27 -9.62
N LYS A 132 15.14 18.24 -10.46
CA LYS A 132 15.31 18.40 -11.91
C LYS A 132 14.13 17.79 -12.67
N LYS A 133 13.92 18.27 -13.89
CA LYS A 133 13.10 17.55 -14.87
C LYS A 133 14.01 16.78 -15.82
N GLN A 134 13.77 15.49 -15.95
CA GLN A 134 14.69 14.57 -16.61
C GLN A 134 14.02 14.02 -17.86
N GLU A 135 14.50 14.43 -19.03
CA GLU A 135 13.96 14.01 -20.33
C GLU A 135 12.49 14.43 -20.37
N ASP A 136 11.55 13.50 -20.47
CA ASP A 136 10.13 13.80 -20.28
C ASP A 136 9.90 14.52 -18.97
N GLY A 137 8.96 15.47 -18.95
CA GLY A 137 8.80 16.24 -17.73
C GLY A 137 8.40 15.41 -16.54
N LEU A 138 9.29 15.35 -15.55
CA LEU A 138 9.05 14.73 -14.25
C LEU A 138 10.13 15.27 -13.32
N TRP A 139 9.87 15.31 -12.02
CA TRP A 139 10.81 15.89 -11.08
C TRP A 139 11.39 14.81 -10.17
N LYS A 140 12.71 14.87 -9.94
CA LYS A 140 13.40 13.94 -9.06
C LYS A 140 14.44 14.71 -8.25
N PHE A 141 14.42 14.54 -6.92
CA PHE A 141 15.31 15.31 -6.05
C PHE A 141 16.75 14.93 -6.34
N CYS A 142 17.57 15.92 -6.72
CA CYS A 142 18.94 15.62 -7.08
C CYS A 142 19.92 15.66 -5.90
N GLN A 143 19.80 16.65 -5.00
CA GLN A 143 20.72 16.75 -3.87
C GLN A 143 20.06 17.51 -2.72
N SER A 144 20.61 17.32 -1.51
CA SER A 144 20.05 17.91 -0.30
C SER A 144 21.15 18.45 0.60
N ASP A 145 21.00 19.72 1.01
CA ASP A 145 21.98 20.42 1.84
C ASP A 145 21.27 21.02 3.04
N ILE A 146 21.57 20.52 4.22
CA ILE A 146 20.98 21.08 5.43
C ILE A 146 21.76 22.33 5.83
N GLN A 147 21.01 23.38 6.18
CA GLN A 147 21.58 24.57 6.80
C GLN A 147 21.42 24.47 8.31
N ILE A 148 22.43 24.92 9.04
CA ILE A 148 22.40 24.87 10.50
C ILE A 148 21.62 26.07 11.04
N HIS A 179 29.52 2.63 12.98
CA HIS A 179 28.37 1.76 12.77
C HIS A 179 27.26 2.51 12.04
N LEU A 180 26.09 2.58 12.68
CA LEU A 180 24.97 3.38 12.22
C LEU A 180 24.58 4.38 13.30
N ASP A 181 24.09 5.54 12.85
CA ASP A 181 23.64 6.61 13.72
C ASP A 181 22.19 6.91 13.37
N VAL A 182 21.48 7.56 14.29
CA VAL A 182 20.11 7.94 13.98
C VAL A 182 20.06 9.20 13.12
N MET A 183 21.09 10.03 13.18
CA MET A 183 21.14 11.25 12.39
C MET A 183 21.38 10.99 10.91
N MET A 184 21.83 9.80 10.54
CA MET A 184 22.04 9.51 9.12
C MET A 184 20.80 9.83 8.30
N ALA A 185 19.63 9.72 8.92
CA ALA A 185 18.35 9.97 8.25
C ALA A 185 17.83 11.32 8.71
N ARG A 186 17.92 12.32 7.83
CA ARG A 186 17.31 13.61 8.07
C ARG A 186 16.94 14.23 6.74
N GLY A 187 15.81 14.92 6.73
CA GLY A 187 15.26 15.48 5.51
C GLY A 187 14.33 14.49 4.86
N HIS B 15 12.57 -12.04 11.24
CA HIS B 15 12.35 -13.47 11.46
C HIS B 15 13.04 -14.31 10.38
N LYS B 16 12.39 -15.40 9.97
CA LYS B 16 13.03 -16.36 9.07
C LYS B 16 13.36 -15.70 7.72
N ARG B 17 14.65 -15.77 7.34
CA ARG B 17 15.12 -15.00 6.18
C ARG B 17 14.43 -15.42 4.90
N PRO B 18 14.52 -16.66 4.43
CA PRO B 18 13.71 -17.08 3.28
C PRO B 18 12.30 -17.44 3.70
N MET B 19 11.40 -17.41 2.73
CA MET B 19 10.06 -17.96 2.86
C MET B 19 9.92 -19.07 1.84
N ASP B 20 9.31 -20.18 2.25
CA ASP B 20 9.28 -21.37 1.41
C ASP B 20 8.71 -21.00 0.05
N THR B 21 9.47 -21.29 -1.00
CA THR B 21 9.07 -20.81 -2.32
C THR B 21 7.73 -21.42 -2.72
N GLU B 22 7.52 -22.70 -2.41
CA GLU B 22 6.21 -23.30 -2.62
C GLU B 22 5.12 -22.51 -1.90
N GLU B 23 5.46 -21.92 -0.76
CA GLU B 23 4.48 -21.17 0.02
C GLU B 23 4.22 -19.80 -0.59
N ALA B 24 5.23 -19.21 -1.23
CA ALA B 24 5.05 -17.91 -1.86
C ALA B 24 4.34 -18.05 -3.21
N GLU B 25 4.81 -18.96 -4.06
CA GLU B 25 4.16 -19.18 -5.35
C GLU B 25 2.67 -19.47 -5.16
N GLU B 26 2.34 -20.26 -4.16
CA GLU B 26 0.94 -20.54 -3.88
C GLU B 26 0.24 -19.39 -3.18
N LEU B 27 0.97 -18.39 -2.70
CA LEU B 27 0.34 -17.16 -2.26
C LEU B 27 0.03 -16.24 -3.42
N VAL B 28 0.97 -16.08 -4.35
CA VAL B 28 0.68 -15.37 -5.58
C VAL B 28 -0.51 -16.02 -6.27
N ARG B 29 -0.31 -17.25 -6.79
CA ARG B 29 -1.39 -17.90 -7.54
C ARG B 29 -2.72 -17.77 -6.82
N GLN B 30 -2.70 -17.90 -5.49
CA GLN B 30 -3.88 -17.60 -4.69
C GLN B 30 -4.42 -16.21 -5.01
N TRP B 31 -3.54 -15.21 -5.12
CA TRP B 31 -4.00 -13.84 -5.32
C TRP B 31 -4.60 -13.65 -6.72
N GLU B 32 -3.96 -14.18 -7.76
CA GLU B 32 -4.52 -14.01 -9.11
C GLU B 32 -5.90 -14.63 -9.26
N ASN B 33 -6.13 -15.82 -8.68
CA ASN B 33 -7.49 -16.36 -8.69
C ASN B 33 -8.45 -15.40 -8.00
N VAL B 34 -8.03 -14.80 -6.90
CA VAL B 34 -8.82 -13.75 -6.27
C VAL B 34 -8.98 -12.56 -7.21
N LYS B 35 -7.93 -12.22 -7.97
CA LYS B 35 -8.04 -11.09 -8.89
C LYS B 35 -9.12 -11.36 -9.92
N ALA B 36 -9.13 -12.56 -10.50
CA ALA B 36 -10.05 -12.86 -11.58
C ALA B 36 -11.49 -13.03 -11.08
N GLU B 37 -11.67 -13.45 -9.83
CA GLU B 37 -13.01 -13.49 -9.24
C GLU B 37 -13.52 -12.10 -8.89
N ALA B 38 -12.64 -11.18 -8.51
CA ALA B 38 -13.08 -9.82 -8.26
C ALA B 38 -13.31 -9.08 -9.58
N LEU B 39 -12.34 -9.14 -10.47
CA LEU B 39 -12.44 -8.51 -11.78
C LEU B 39 -12.81 -9.61 -12.77
N GLY B 40 -14.06 -9.61 -13.21
CA GLY B 40 -14.54 -10.70 -14.02
C GLY B 40 -16.03 -10.85 -13.93
N PRO B 41 -16.57 -11.76 -14.73
CA PRO B 41 -18.02 -11.88 -14.83
C PRO B 41 -18.66 -12.31 -13.52
N THR B 42 -17.95 -13.10 -12.71
CA THR B 42 -18.35 -13.32 -11.32
C THR B 42 -18.62 -12.01 -10.61
N HIS B 43 -17.68 -11.08 -10.71
CA HIS B 43 -17.68 -9.85 -9.91
C HIS B 43 -17.86 -10.17 -8.43
N GLN B 44 -17.02 -11.07 -7.92
CA GLN B 44 -17.02 -11.37 -6.49
C GLN B 44 -16.02 -10.41 -5.86
N VAL B 45 -16.55 -9.39 -5.20
CA VAL B 45 -15.70 -8.42 -4.52
C VAL B 45 -15.28 -8.93 -3.15
N TYR B 46 -16.16 -9.72 -2.50
CA TYR B 46 -15.81 -10.35 -1.24
C TYR B 46 -14.62 -11.29 -1.39
N SER B 47 -14.30 -11.68 -2.63
CA SER B 47 -13.16 -12.54 -2.86
C SER B 47 -11.85 -11.86 -2.46
N LEU B 48 -11.77 -10.53 -2.60
CA LEU B 48 -10.56 -9.81 -2.23
C LEU B 48 -10.20 -10.00 -0.75
N SER B 49 -11.19 -9.87 0.14
CA SER B 49 -10.92 -9.94 1.57
C SER B 49 -10.20 -11.22 1.96
N GLU B 50 -10.28 -12.26 1.12
CA GLU B 50 -9.59 -13.51 1.42
C GLU B 50 -8.09 -13.30 1.47
N VAL B 51 -7.47 -12.86 0.37
CA VAL B 51 -6.01 -12.73 0.29
C VAL B 51 -5.52 -11.28 0.43
N LEU B 52 -6.40 -10.31 0.65
CA LEU B 52 -5.97 -8.92 0.62
C LEU B 52 -6.21 -8.24 1.96
N ASP B 53 -5.26 -7.39 2.35
CA ASP B 53 -5.29 -6.65 3.61
C ASP B 53 -5.06 -5.16 3.33
N GLU B 54 -5.84 -4.32 3.98
CA GLU B 54 -5.52 -2.89 4.12
C GLU B 54 -5.40 -2.24 2.74
N SER B 55 -4.33 -1.49 2.45
CA SER B 55 -4.31 -0.65 1.27
C SER B 55 -4.50 -1.47 -0.01
N MET B 56 -3.82 -2.61 -0.09
CA MET B 56 -3.95 -3.47 -1.27
C MET B 56 -5.40 -3.87 -1.50
N LEU B 57 -6.13 -4.16 -0.42
CA LEU B 57 -7.54 -4.52 -0.55
C LEU B 57 -8.35 -3.37 -1.15
N VAL B 58 -8.27 -2.19 -0.51
CA VAL B 58 -9.12 -1.08 -0.93
C VAL B 58 -8.83 -0.69 -2.38
N GLN B 59 -7.55 -0.74 -2.76
CA GLN B 59 -7.19 -0.38 -4.13
C GLN B 59 -7.84 -1.31 -5.14
N TRP B 60 -7.86 -2.60 -4.84
CA TRP B 60 -8.53 -3.55 -5.72
C TRP B 60 -10.04 -3.58 -5.52
N GLN B 61 -10.52 -3.23 -4.32
CA GLN B 61 -11.95 -2.97 -4.14
C GLN B 61 -12.43 -1.92 -5.12
N THR B 62 -11.75 -0.78 -5.17
CA THR B 62 -12.21 0.32 -6.01
C THR B 62 -12.24 -0.08 -7.48
N LEU B 63 -11.22 -0.80 -7.94
CA LEU B 63 -11.21 -1.23 -9.33
C LEU B 63 -12.34 -2.21 -9.61
N ALA B 64 -12.49 -3.21 -8.74
CA ALA B 64 -13.53 -4.22 -8.93
C ALA B 64 -14.93 -3.60 -8.92
N GLN B 65 -15.14 -2.62 -8.04
CA GLN B 65 -16.44 -1.98 -7.96
C GLN B 65 -16.73 -1.15 -9.19
N THR B 66 -15.73 -0.46 -9.72
CA THR B 66 -15.93 0.37 -10.90
C THR B 66 -16.24 -0.49 -12.13
N ALA B 67 -15.44 -1.53 -12.35
CA ALA B 67 -15.72 -2.48 -13.43
C ALA B 67 -17.12 -3.04 -13.31
N GLU B 68 -17.56 -3.34 -12.09
CA GLU B 68 -18.94 -3.80 -11.90
C GLU B 68 -19.93 -2.71 -12.28
N ALA B 69 -19.63 -1.45 -11.93
CA ALA B 69 -20.56 -0.36 -12.18
C ALA B 69 -20.69 -0.08 -13.68
N LYS B 70 -19.59 -0.11 -14.41
CA LYS B 70 -19.66 -0.01 -15.86
C LYS B 70 -20.11 -1.30 -16.53
N SER B 71 -20.31 -2.38 -15.77
CA SER B 71 -20.62 -3.69 -16.32
C SER B 71 -19.55 -4.13 -17.32
N CYS B 72 -18.30 -3.86 -16.98
CA CYS B 72 -17.13 -4.38 -17.69
C CYS B 72 -16.34 -5.27 -16.74
N TYR B 73 -15.54 -6.14 -17.33
CA TYR B 73 -14.81 -7.11 -16.54
C TYR B 73 -13.55 -7.54 -17.27
N TRP B 74 -12.64 -8.15 -16.52
CA TRP B 74 -11.38 -8.62 -17.07
C TRP B 74 -11.42 -10.13 -17.21
N ARG B 75 -10.73 -10.64 -18.22
CA ARG B 75 -10.57 -12.07 -18.42
C ARG B 75 -9.09 -12.38 -18.39
N PHE B 76 -8.66 -13.11 -17.35
CA PHE B 76 -7.25 -13.27 -17.00
C PHE B 76 -6.77 -14.67 -17.33
N VAL B 77 -5.53 -14.75 -17.81
CA VAL B 77 -4.78 -16.00 -17.83
C VAL B 77 -3.36 -15.71 -17.38
N LEU B 78 -2.91 -16.40 -16.32
CA LEU B 78 -1.56 -16.25 -15.81
C LEU B 78 -0.73 -17.42 -16.33
N LEU B 79 0.19 -17.12 -17.25
CA LEU B 79 0.99 -18.16 -17.89
C LEU B 79 1.84 -18.89 -16.87
N HIS B 80 2.67 -18.16 -16.14
CA HIS B 80 3.44 -18.76 -15.05
C HIS B 80 4.13 -17.64 -14.31
N LEU B 81 4.54 -17.95 -13.08
CA LEU B 81 5.17 -17.00 -12.22
C LEU B 81 6.47 -17.59 -11.71
N GLU B 82 7.31 -16.72 -11.20
CA GLU B 82 8.58 -17.10 -10.61
C GLU B 82 8.69 -16.37 -9.28
N VAL B 83 9.05 -17.10 -8.23
CA VAL B 83 9.33 -16.48 -6.95
C VAL B 83 10.81 -16.15 -6.98
N LEU B 84 11.12 -14.87 -7.15
CA LEU B 84 12.51 -14.43 -7.20
C LEU B 84 13.09 -14.42 -5.80
N GLN B 85 12.39 -13.78 -4.87
CA GLN B 85 12.83 -13.72 -3.49
C GLN B 85 11.60 -13.66 -2.60
N ALA B 86 11.63 -14.40 -1.52
CA ALA B 86 10.60 -14.32 -0.49
C ALA B 86 11.30 -14.19 0.84
N HIS B 87 11.16 -13.04 1.47
CA HIS B 87 11.79 -12.75 2.74
C HIS B 87 10.71 -12.47 3.77
N ILE B 88 11.06 -12.65 5.04
CA ILE B 88 10.17 -12.34 6.15
C ILE B 88 10.90 -11.47 7.14
N PHE B 89 10.31 -10.33 7.49
CA PHE B 89 10.77 -9.44 8.54
C PHE B 89 9.58 -9.08 9.41
N GLU B 90 9.85 -8.47 10.55
CA GLU B 90 8.80 -7.78 11.29
C GLU B 90 8.80 -6.34 10.81
N ASP B 91 7.61 -5.79 10.57
CA ASP B 91 7.49 -4.45 10.02
C ASP B 91 7.15 -3.50 11.15
N GLY B 92 8.17 -2.79 11.64
CA GLY B 92 7.98 -1.68 12.56
C GLY B 92 7.01 -2.00 13.67
N ILE B 93 6.09 -1.07 13.89
CA ILE B 93 4.99 -1.26 14.83
C ILE B 93 3.96 -2.27 14.29
N ALA B 94 3.97 -2.56 12.98
CA ALA B 94 2.87 -3.28 12.36
C ALA B 94 2.89 -4.78 12.63
N GLY B 95 4.04 -5.35 13.00
CA GLY B 95 4.10 -6.76 13.28
C GLY B 95 4.68 -7.55 12.13
N GLU B 96 4.50 -8.88 12.23
CA GLU B 96 5.09 -9.80 11.28
C GLU B 96 4.65 -9.49 9.86
N ALA B 97 5.61 -9.33 8.96
CA ALA B 97 5.35 -9.02 7.58
C ALA B 97 6.16 -9.94 6.69
N ALA B 98 5.86 -9.92 5.40
CA ALA B 98 6.58 -10.76 4.45
C ALA B 98 6.61 -10.06 3.11
N GLU B 99 7.68 -10.30 2.36
CA GLU B 99 7.93 -9.60 1.11
C GLU B 99 8.19 -10.64 0.03
N ILE B 100 7.26 -10.74 -0.92
CA ILE B 100 7.35 -11.69 -2.02
C ILE B 100 7.88 -10.96 -3.25
N GLU B 101 8.83 -11.59 -3.93
CA GLU B 101 9.28 -11.13 -5.24
C GLU B 101 8.71 -12.07 -6.29
N ALA B 102 7.86 -11.53 -7.16
CA ALA B 102 7.19 -12.34 -8.16
C ALA B 102 7.48 -11.79 -9.54
N LEU B 103 7.66 -12.69 -10.49
CA LEU B 103 7.67 -12.36 -11.91
C LEU B 103 6.46 -13.03 -12.54
N LEU B 104 5.44 -12.25 -12.87
CA LEU B 104 4.23 -12.79 -13.47
C LEU B 104 4.27 -12.61 -14.98
N GLU B 105 3.93 -13.66 -15.69
CA GLU B 105 3.68 -13.61 -17.12
C GLU B 105 2.20 -13.90 -17.31
N GLU B 106 1.43 -12.87 -17.63
CA GLU B 106 -0.01 -13.06 -17.74
C GLU B 106 -0.57 -12.27 -18.91
N ALA B 107 -1.75 -12.67 -19.34
CA ALA B 107 -2.48 -12.00 -20.39
C ALA B 107 -3.90 -11.74 -19.91
N ALA B 108 -4.44 -10.57 -20.25
CA ALA B 108 -5.82 -10.24 -19.91
C ALA B 108 -6.45 -9.39 -21.00
N GLU B 109 -7.68 -9.74 -21.36
CA GLU B 109 -8.54 -8.86 -22.13
C GLU B 109 -9.56 -8.22 -21.21
N LEU B 110 -9.94 -6.99 -21.52
CA LEU B 110 -11.02 -6.29 -20.83
C LEU B 110 -12.21 -6.23 -21.75
N VAL B 111 -13.32 -6.83 -21.33
CA VAL B 111 -14.53 -6.92 -22.14
C VAL B 111 -15.56 -5.93 -21.61
N ASP B 112 -16.14 -5.16 -22.52
CA ASP B 112 -17.22 -4.24 -22.20
C ASP B 112 -18.21 -4.31 -23.36
N GLU B 113 -19.46 -3.91 -23.08
CA GLU B 113 -20.47 -3.93 -24.11
C GLU B 113 -20.21 -2.91 -25.22
N SER B 114 -19.36 -1.91 -24.97
CA SER B 114 -19.20 -0.82 -25.93
C SER B 114 -18.31 -1.21 -27.10
N GLN B 115 -17.21 -1.93 -26.85
CA GLN B 115 -16.28 -2.25 -27.92
C GLN B 115 -16.49 -3.69 -28.41
N PRO B 116 -16.61 -3.89 -29.73
CA PRO B 116 -16.82 -5.27 -30.22
C PRO B 116 -15.63 -6.18 -30.02
N LYS B 117 -14.42 -5.68 -30.26
CA LYS B 117 -13.18 -6.40 -30.00
C LYS B 117 -12.65 -5.99 -28.64
N ASN B 118 -12.43 -6.97 -27.77
CA ASN B 118 -12.05 -6.70 -26.39
C ASN B 118 -10.58 -6.33 -26.30
N ALA B 119 -10.30 -5.17 -25.70
CA ALA B 119 -8.92 -4.72 -25.55
C ALA B 119 -8.17 -5.64 -24.59
N LYS B 120 -6.98 -6.05 -25.01
CA LYS B 120 -6.25 -7.13 -24.38
C LYS B 120 -4.83 -6.66 -24.04
N TYR B 121 -4.14 -7.45 -23.22
CA TYR B 121 -2.73 -7.20 -22.93
C TYR B 121 -2.04 -8.52 -22.60
N TYR B 122 -0.76 -8.58 -22.96
CA TYR B 122 0.13 -9.69 -22.63
C TYR B 122 1.40 -9.10 -22.04
N SER B 123 1.66 -9.38 -20.75
CA SER B 123 2.75 -8.70 -20.08
C SER B 123 3.54 -9.65 -19.19
N THR B 124 4.85 -9.44 -19.15
CA THR B 124 5.76 -10.15 -18.27
C THR B 124 6.48 -9.10 -17.44
N TYR B 125 6.28 -9.14 -16.13
CA TYR B 125 6.79 -8.08 -15.27
C TYR B 125 7.06 -8.62 -13.87
N LYS B 126 7.98 -7.96 -13.18
CA LYS B 126 8.30 -8.27 -11.81
C LYS B 126 7.51 -7.35 -10.89
N ILE B 127 7.12 -7.89 -9.74
CA ILE B 127 6.31 -7.16 -8.76
C ILE B 127 6.70 -7.62 -7.37
N ARG B 128 6.80 -6.67 -6.44
CA ARG B 128 7.12 -6.96 -5.06
C ARG B 128 5.86 -6.81 -4.23
N TYR B 129 5.49 -7.87 -3.54
CA TYR B 129 4.36 -7.83 -2.63
C TYR B 129 4.86 -7.69 -1.19
N ILE B 130 4.11 -6.96 -0.38
CA ILE B 130 4.37 -6.85 1.05
C ILE B 130 3.12 -7.33 1.77
N LEU B 131 3.28 -8.31 2.66
CA LEU B 131 2.16 -8.95 3.30
C LEU B 131 2.31 -8.89 4.80
N LYS B 132 1.19 -9.05 5.51
CA LYS B 132 1.19 -9.10 6.96
C LYS B 132 0.47 -10.36 7.40
N LYS B 133 1.06 -11.10 8.33
CA LYS B 133 0.43 -12.29 8.87
C LYS B 133 -0.77 -11.88 9.70
N GLN B 134 -1.95 -12.39 9.33
CA GLN B 134 -3.15 -12.13 10.08
C GLN B 134 -3.09 -12.84 11.43
N GLU B 135 -3.94 -12.38 12.36
CA GLU B 135 -4.01 -12.99 13.69
C GLU B 135 -4.17 -14.49 13.59
N ASP B 136 -4.95 -14.95 12.60
CA ASP B 136 -5.18 -16.37 12.35
C ASP B 136 -3.99 -17.05 11.67
N GLY B 137 -3.02 -16.27 11.18
CA GLY B 137 -1.82 -16.84 10.60
C GLY B 137 -1.75 -16.86 9.09
N LEU B 138 -2.78 -16.36 8.40
CA LEU B 138 -2.75 -16.34 6.94
C LEU B 138 -2.07 -15.07 6.45
N TRP B 139 -1.25 -15.22 5.41
CA TRP B 139 -0.59 -14.08 4.80
C TRP B 139 -1.55 -13.37 3.86
N LYS B 140 -1.76 -12.08 4.10
CA LYS B 140 -2.59 -11.24 3.25
C LYS B 140 -1.78 -10.06 2.75
N PHE B 141 -1.94 -9.73 1.48
CA PHE B 141 -1.16 -8.66 0.85
C PHE B 141 -1.69 -7.30 1.30
N CYS B 142 -0.81 -6.48 1.89
CA CYS B 142 -1.18 -5.10 2.18
C CYS B 142 -0.68 -4.08 1.16
N GLN B 143 0.24 -4.44 0.27
CA GLN B 143 0.73 -3.49 -0.73
C GLN B 143 1.40 -4.26 -1.86
N SER B 144 1.49 -3.62 -3.03
CA SER B 144 2.22 -4.21 -4.15
C SER B 144 2.77 -3.13 -5.06
N ASP B 145 3.97 -3.39 -5.62
CA ASP B 145 4.69 -2.42 -6.43
C ASP B 145 5.31 -3.13 -7.62
N ILE B 146 5.09 -2.59 -8.83
CA ILE B 146 5.67 -3.14 -10.05
C ILE B 146 6.90 -2.30 -10.41
N GLN B 147 8.01 -2.96 -10.72
CA GLN B 147 9.29 -2.30 -10.94
C GLN B 147 9.83 -2.63 -12.33
N ILE B 148 10.21 -1.58 -13.07
CA ILE B 148 10.70 -1.71 -14.43
C ILE B 148 12.15 -1.25 -14.49
N GLN B 149 12.93 -1.89 -15.36
CA GLN B 149 14.32 -1.52 -15.66
C GLN B 149 14.50 -0.01 -15.84
N HIS B 179 -13.54 6.45 -18.14
CA HIS B 179 -12.96 6.35 -16.81
C HIS B 179 -12.23 5.04 -16.58
N LEU B 180 -11.90 4.32 -17.65
CA LEU B 180 -11.41 2.97 -17.44
C LEU B 180 -10.46 2.59 -18.58
N ASP B 181 -9.41 1.81 -18.25
CA ASP B 181 -8.41 1.33 -19.19
C ASP B 181 -8.14 -0.16 -18.91
N VAL B 182 -7.31 -0.78 -19.74
CA VAL B 182 -7.10 -2.23 -19.68
C VAL B 182 -5.92 -2.68 -18.84
N MET B 183 -5.02 -1.77 -18.46
CA MET B 183 -3.84 -2.15 -17.71
C MET B 183 -4.03 -1.95 -16.21
N MET B 184 -5.17 -1.39 -15.80
CA MET B 184 -5.47 -1.25 -14.37
C MET B 184 -5.26 -2.57 -13.67
N ALA B 185 -5.68 -3.66 -14.29
CA ALA B 185 -5.55 -4.99 -13.72
C ALA B 185 -4.24 -5.56 -14.23
N ARG B 186 -3.24 -5.52 -13.35
CA ARG B 186 -1.86 -5.76 -13.69
C ARG B 186 -1.31 -6.32 -12.39
N GLY B 187 -0.56 -7.41 -12.43
CA GLY B 187 -0.12 -8.06 -11.20
C GLY B 187 -1.19 -8.24 -10.14
N HIS C 15 -19.92 -20.50 -58.04
CA HIS C 15 -19.12 -20.26 -56.84
C HIS C 15 -19.32 -18.86 -56.28
N LYS C 16 -18.76 -18.64 -55.09
CA LYS C 16 -18.68 -17.31 -54.51
C LYS C 16 -17.24 -17.06 -54.11
N ARG C 17 -16.97 -15.89 -53.56
CA ARG C 17 -15.60 -15.38 -53.64
C ARG C 17 -15.20 -14.68 -52.34
N PRO C 18 -13.95 -14.19 -52.22
CA PRO C 18 -13.42 -13.83 -50.90
C PRO C 18 -14.38 -13.00 -50.05
N MET C 19 -14.40 -13.33 -48.76
CA MET C 19 -15.16 -12.60 -47.75
C MET C 19 -14.32 -11.47 -47.17
N ASP C 20 -14.97 -10.35 -46.85
CA ASP C 20 -14.26 -9.22 -46.26
C ASP C 20 -13.57 -9.68 -44.98
N THR C 21 -12.25 -9.52 -44.92
CA THR C 21 -11.51 -9.94 -43.73
C THR C 21 -11.98 -9.15 -42.52
N GLU C 22 -12.26 -7.86 -42.70
CA GLU C 22 -12.76 -7.04 -41.59
C GLU C 22 -14.07 -7.59 -41.04
N GLU C 23 -14.86 -8.23 -41.89
CA GLU C 23 -16.03 -8.95 -41.40
C GLU C 23 -15.64 -10.33 -40.87
N ALA C 24 -14.74 -11.01 -41.58
CA ALA C 24 -14.31 -12.33 -41.14
C ALA C 24 -13.71 -12.28 -39.74
N GLU C 25 -12.86 -11.29 -39.49
CA GLU C 25 -12.24 -11.18 -38.18
C GLU C 25 -13.28 -10.96 -37.09
N GLU C 26 -14.25 -10.08 -37.34
CA GLU C 26 -15.18 -9.72 -36.28
C GLU C 26 -16.07 -10.90 -35.89
N LEU C 27 -16.47 -11.72 -36.87
CA LEU C 27 -17.23 -12.93 -36.53
C LEU C 27 -16.43 -13.80 -35.56
N VAL C 28 -15.21 -14.16 -35.95
CA VAL C 28 -14.35 -14.98 -35.09
C VAL C 28 -14.14 -14.30 -33.75
N ARG C 29 -13.68 -13.06 -33.76
CA ARG C 29 -13.44 -12.34 -32.50
C ARG C 29 -14.68 -12.31 -31.64
N GLN C 30 -15.84 -12.08 -32.24
CA GLN C 30 -17.05 -12.17 -31.43
C GLN C 30 -17.33 -13.61 -31.02
N TRP C 31 -17.08 -14.56 -31.92
CA TRP C 31 -17.22 -15.97 -31.54
C TRP C 31 -16.37 -16.29 -30.32
N GLU C 32 -15.06 -16.08 -30.41
CA GLU C 32 -14.17 -16.36 -29.29
C GLU C 32 -14.64 -15.65 -28.03
N ASN C 33 -14.98 -14.36 -28.15
CA ASN C 33 -15.58 -13.62 -27.04
C ASN C 33 -16.76 -14.39 -26.46
N VAL C 34 -17.69 -14.83 -27.33
CA VAL C 34 -18.84 -15.59 -26.87
C VAL C 34 -18.40 -16.86 -26.16
N LYS C 35 -17.43 -17.57 -26.74
CA LYS C 35 -16.96 -18.80 -26.10
C LYS C 35 -16.53 -18.52 -24.67
N ALA C 36 -15.70 -17.51 -24.49
CA ALA C 36 -15.27 -17.13 -23.13
C ALA C 36 -16.47 -16.76 -22.27
N GLU C 37 -17.50 -16.14 -22.85
CA GLU C 37 -18.71 -15.87 -22.09
C GLU C 37 -19.52 -17.13 -21.85
N ALA C 38 -19.46 -18.09 -22.77
CA ALA C 38 -20.16 -19.35 -22.57
C ALA C 38 -19.46 -20.20 -21.52
N LEU C 39 -18.15 -20.25 -21.57
CA LEU C 39 -17.31 -20.93 -20.61
C LEU C 39 -16.92 -20.02 -19.45
N GLY C 40 -17.36 -18.77 -19.46
CA GLY C 40 -17.11 -17.88 -18.35
C GLY C 40 -17.93 -18.28 -17.14
N PRO C 41 -17.43 -17.97 -15.94
CA PRO C 41 -18.17 -18.32 -14.72
C PRO C 41 -19.57 -17.73 -14.66
N THR C 42 -19.90 -16.74 -15.50
CA THR C 42 -21.31 -16.45 -15.77
C THR C 42 -22.02 -17.67 -16.32
N HIS C 43 -21.29 -18.54 -17.01
CA HIS C 43 -21.86 -19.73 -17.62
C HIS C 43 -23.07 -19.36 -18.46
N GLN C 44 -22.88 -18.45 -19.40
CA GLN C 44 -23.97 -18.09 -20.29
C GLN C 44 -23.87 -19.09 -21.42
N VAL C 45 -24.72 -20.10 -21.37
CA VAL C 45 -24.70 -21.13 -22.41
C VAL C 45 -25.48 -20.64 -23.61
N TYR C 46 -26.50 -19.81 -23.35
CA TYR C 46 -27.32 -19.27 -24.43
C TYR C 46 -26.51 -18.45 -25.41
N SER C 47 -25.37 -17.91 -24.97
CA SER C 47 -24.55 -17.08 -25.84
C SER C 47 -24.09 -17.85 -27.07
N LEU C 48 -24.03 -19.17 -27.00
CA LEU C 48 -23.62 -19.97 -28.15
C LEU C 48 -24.65 -19.89 -29.27
N SER C 49 -25.94 -19.95 -28.94
CA SER C 49 -26.97 -19.89 -29.96
C SER C 49 -26.87 -18.63 -30.81
N GLU C 50 -26.17 -17.61 -30.33
CA GLU C 50 -26.05 -16.37 -31.09
C GLU C 50 -25.06 -16.50 -32.23
N VAL C 51 -23.86 -17.02 -31.97
CA VAL C 51 -22.85 -17.21 -33.02
C VAL C 51 -22.74 -18.64 -33.53
N LEU C 52 -23.57 -19.58 -33.06
CA LEU C 52 -23.38 -20.98 -33.42
C LEU C 52 -24.67 -21.60 -33.93
N ASP C 53 -24.58 -22.28 -35.08
CA ASP C 53 -25.66 -23.10 -35.63
C ASP C 53 -25.05 -24.41 -36.13
N GLU C 54 -25.93 -25.33 -36.49
CA GLU C 54 -25.54 -26.64 -37.05
C GLU C 54 -24.66 -27.37 -36.03
N SER C 55 -23.61 -28.05 -36.49
CA SER C 55 -22.86 -28.95 -35.62
C SER C 55 -22.10 -28.20 -34.54
N MET C 56 -21.63 -26.99 -34.83
CA MET C 56 -20.78 -26.35 -33.82
C MET C 56 -21.59 -25.81 -32.65
N LEU C 57 -22.89 -25.58 -32.82
CA LEU C 57 -23.67 -25.08 -31.70
C LEU C 57 -23.66 -26.08 -30.56
N VAL C 58 -23.82 -27.36 -30.89
CA VAL C 58 -23.84 -28.37 -29.86
C VAL C 58 -22.45 -28.71 -29.37
N GLN C 59 -21.39 -28.41 -30.16
CA GLN C 59 -20.05 -28.59 -29.61
C GLN C 59 -19.92 -27.81 -28.32
N TRP C 60 -19.87 -26.49 -28.47
CA TRP C 60 -19.60 -25.61 -27.34
C TRP C 60 -20.79 -25.51 -26.40
N GLN C 61 -21.98 -25.96 -26.82
CA GLN C 61 -23.06 -26.18 -25.87
C GLN C 61 -22.74 -27.33 -24.94
N THR C 62 -22.28 -28.45 -25.50
CA THR C 62 -22.01 -29.62 -24.66
C THR C 62 -20.96 -29.29 -23.62
N LEU C 63 -19.79 -28.83 -24.06
CA LEU C 63 -18.70 -28.55 -23.13
C LEU C 63 -19.07 -27.45 -22.13
N ALA C 64 -19.92 -26.50 -22.53
CA ALA C 64 -20.32 -25.46 -21.59
C ALA C 64 -21.30 -25.98 -20.55
N GLN C 65 -22.23 -26.84 -20.96
CA GLN C 65 -23.15 -27.44 -19.99
C GLN C 65 -22.38 -28.25 -18.94
N THR C 66 -21.34 -28.96 -19.37
CA THR C 66 -20.56 -29.76 -18.44
C THR C 66 -19.89 -28.88 -17.39
N ALA C 67 -19.18 -27.85 -17.83
CA ALA C 67 -18.40 -27.05 -16.90
C ALA C 67 -19.30 -26.31 -15.91
N GLU C 68 -20.50 -25.93 -16.32
CA GLU C 68 -21.40 -25.24 -15.41
C GLU C 68 -21.79 -26.15 -14.24
N ALA C 69 -22.14 -27.40 -14.54
CA ALA C 69 -22.59 -28.32 -13.50
C ALA C 69 -21.43 -28.70 -12.58
N LYS C 70 -20.26 -28.98 -13.15
CA LYS C 70 -19.07 -29.22 -12.35
C LYS C 70 -18.57 -27.96 -11.64
N SER C 71 -19.18 -26.80 -11.91
CA SER C 71 -18.74 -25.52 -11.36
C SER C 71 -17.28 -25.25 -11.70
N CYS C 72 -16.89 -25.64 -12.91
CA CYS C 72 -15.60 -25.35 -13.50
C CYS C 72 -15.80 -24.42 -14.69
N TYR C 73 -14.77 -23.66 -15.02
CA TYR C 73 -14.91 -22.65 -16.06
C TYR C 73 -13.55 -22.32 -16.64
N TRP C 74 -13.59 -21.72 -17.83
CA TRP C 74 -12.41 -21.17 -18.45
C TRP C 74 -12.39 -19.66 -18.33
N ARG C 75 -11.17 -19.13 -18.26
CA ARG C 75 -10.91 -17.72 -18.47
C ARG C 75 -10.02 -17.62 -19.70
N PHE C 76 -10.40 -16.76 -20.64
CA PHE C 76 -9.76 -16.69 -21.94
C PHE C 76 -9.09 -15.34 -22.17
N VAL C 77 -7.97 -15.38 -22.91
CA VAL C 77 -7.40 -14.19 -23.50
C VAL C 77 -6.98 -14.55 -24.92
N LEU C 78 -7.05 -13.56 -25.81
CA LEU C 78 -6.66 -13.72 -27.19
C LEU C 78 -5.46 -12.82 -27.45
N LEU C 79 -4.35 -13.42 -27.91
CA LEU C 79 -3.15 -12.64 -28.18
C LEU C 79 -3.35 -11.80 -29.44
N HIS C 80 -3.61 -12.47 -30.56
CA HIS C 80 -4.19 -11.80 -31.71
C HIS C 80 -4.52 -12.84 -32.76
N LEU C 81 -5.36 -12.42 -33.69
CA LEU C 81 -6.05 -13.28 -34.64
C LEU C 81 -5.69 -12.87 -36.05
N GLU C 82 -5.47 -13.87 -36.91
CA GLU C 82 -5.19 -13.61 -38.32
C GLU C 82 -6.11 -14.48 -39.16
N VAL C 83 -6.87 -13.85 -40.06
CA VAL C 83 -7.72 -14.58 -40.98
C VAL C 83 -6.90 -14.84 -42.23
N LEU C 84 -6.53 -16.10 -42.44
CA LEU C 84 -5.72 -16.42 -43.62
C LEU C 84 -6.58 -16.52 -44.86
N GLN C 85 -7.72 -17.21 -44.77
CA GLN C 85 -8.64 -17.34 -45.89
C GLN C 85 -10.06 -17.14 -45.38
N ALA C 86 -10.79 -16.23 -46.02
CA ALA C 86 -12.23 -16.09 -45.82
C ALA C 86 -12.87 -16.13 -47.20
N HIS C 87 -13.64 -17.17 -47.47
CA HIS C 87 -14.26 -17.39 -48.77
C HIS C 87 -15.73 -17.73 -48.54
N ILE C 88 -16.51 -17.73 -49.62
CA ILE C 88 -17.90 -18.20 -49.54
C ILE C 88 -18.09 -19.37 -50.51
N PHE C 89 -18.62 -20.47 -49.97
CA PHE C 89 -18.93 -21.69 -50.70
C PHE C 89 -20.44 -21.79 -50.90
N GLU C 90 -20.84 -22.42 -52.00
CA GLU C 90 -22.18 -22.98 -52.14
C GLU C 90 -22.06 -24.47 -51.84
N ASP C 91 -22.66 -24.91 -50.73
CA ASP C 91 -22.60 -26.33 -50.37
C ASP C 91 -23.41 -27.20 -51.32
N GLY C 92 -24.41 -26.65 -51.99
CA GLY C 92 -25.14 -27.38 -53.00
C GLY C 92 -26.33 -28.16 -52.48
N ILE C 93 -26.38 -28.44 -51.18
CA ILE C 93 -27.60 -28.86 -50.52
C ILE C 93 -27.87 -27.86 -49.41
N ALA C 94 -26.94 -27.74 -48.48
CA ALA C 94 -26.89 -26.51 -47.69
C ALA C 94 -26.48 -25.37 -48.61
N GLY C 95 -26.36 -24.17 -48.07
CA GLY C 95 -26.07 -23.03 -48.93
C GLY C 95 -25.30 -21.96 -48.21
N GLU C 96 -24.54 -21.21 -49.00
CA GLU C 96 -23.76 -20.08 -48.51
C GLU C 96 -22.91 -20.51 -47.31
N ALA C 97 -22.10 -21.52 -47.54
CA ALA C 97 -21.06 -21.89 -46.59
C ALA C 97 -19.86 -20.96 -46.75
N ALA C 98 -19.17 -20.71 -45.64
CA ALA C 98 -18.03 -19.79 -45.66
C ALA C 98 -16.83 -20.44 -44.98
N GLU C 99 -15.65 -20.20 -45.53
CA GLU C 99 -14.41 -20.82 -45.08
C GLU C 99 -13.55 -19.75 -44.42
N ILE C 100 -13.45 -19.78 -43.10
CA ILE C 100 -12.53 -18.91 -42.37
C ILE C 100 -11.36 -19.75 -41.91
N GLU C 101 -10.21 -19.57 -42.53
CA GLU C 101 -8.97 -20.19 -42.08
C GLU C 101 -8.27 -19.17 -41.21
N ALA C 102 -8.28 -19.41 -39.91
CA ALA C 102 -7.97 -18.38 -38.93
C ALA C 102 -6.80 -18.85 -38.07
N LEU C 103 -5.76 -18.04 -38.02
CA LEU C 103 -4.69 -18.26 -37.06
C LEU C 103 -5.10 -17.59 -35.76
N LEU C 104 -5.33 -18.39 -34.73
CA LEU C 104 -5.65 -17.91 -33.40
C LEU C 104 -4.42 -18.07 -32.53
N GLU C 105 -4.08 -17.02 -31.81
CA GLU C 105 -3.04 -17.05 -30.79
C GLU C 105 -3.74 -16.70 -29.50
N GLU C 106 -3.91 -17.67 -28.60
CA GLU C 106 -4.67 -17.38 -27.40
C GLU C 106 -4.01 -18.04 -26.19
N ALA C 107 -4.58 -17.75 -25.03
CA ALA C 107 -4.23 -18.39 -23.78
C ALA C 107 -5.51 -18.55 -22.97
N ALA C 108 -5.67 -19.71 -22.36
CA ALA C 108 -6.78 -19.93 -21.44
C ALA C 108 -6.27 -20.74 -20.27
N GLU C 109 -7.15 -20.93 -19.28
CA GLU C 109 -6.88 -21.81 -18.16
C GLU C 109 -8.22 -22.34 -17.65
N LEU C 110 -8.19 -23.56 -17.15
CA LEU C 110 -9.38 -24.18 -16.61
C LEU C 110 -9.31 -24.08 -15.09
N VAL C 111 -10.33 -23.44 -14.50
CA VAL C 111 -10.42 -23.25 -13.06
C VAL C 111 -11.34 -24.31 -12.49
N ASP C 112 -10.79 -25.19 -11.68
CA ASP C 112 -11.56 -26.24 -11.01
C ASP C 112 -11.81 -25.82 -9.57
N GLU C 113 -13.07 -25.91 -9.13
CA GLU C 113 -13.34 -25.73 -7.71
C GLU C 113 -12.46 -26.63 -6.85
N SER C 114 -12.10 -27.81 -7.37
CA SER C 114 -11.30 -28.77 -6.61
C SER C 114 -9.93 -28.22 -6.26
N GLN C 115 -9.36 -27.36 -7.11
CA GLN C 115 -8.00 -26.91 -6.85
C GLN C 115 -7.88 -25.39 -6.99
N PRO C 116 -7.17 -24.73 -6.08
CA PRO C 116 -6.82 -23.31 -6.28
C PRO C 116 -5.69 -23.11 -7.29
N LYS C 117 -4.79 -24.08 -7.38
CA LYS C 117 -3.79 -24.10 -8.43
C LYS C 117 -4.45 -24.45 -9.75
N ASN C 118 -4.28 -23.59 -10.76
CA ASN C 118 -5.05 -23.69 -11.98
C ASN C 118 -4.18 -24.16 -13.15
N ALA C 119 -4.77 -24.99 -14.02
CA ALA C 119 -4.08 -25.53 -15.18
C ALA C 119 -4.12 -24.55 -16.34
N LYS C 120 -2.98 -24.33 -16.98
CA LYS C 120 -2.79 -23.26 -17.95
C LYS C 120 -2.69 -23.81 -19.36
N TYR C 121 -3.05 -22.97 -20.33
CA TYR C 121 -2.93 -23.30 -21.74
C TYR C 121 -2.63 -22.05 -22.56
N TYR C 122 -1.63 -22.15 -23.44
CA TYR C 122 -1.30 -21.11 -24.41
C TYR C 122 -0.89 -21.76 -25.71
N SER C 123 -1.57 -21.45 -26.81
CA SER C 123 -1.24 -22.07 -28.09
C SER C 123 -1.57 -21.16 -29.27
N THR C 124 -0.75 -21.29 -30.30
CA THR C 124 -0.94 -20.62 -31.59
C THR C 124 -1.31 -21.67 -32.62
N TYR C 125 -2.58 -21.70 -33.02
CA TYR C 125 -3.11 -22.81 -33.81
C TYR C 125 -4.02 -22.29 -34.92
N LYS C 126 -3.80 -22.80 -36.13
CA LYS C 126 -4.65 -22.46 -37.27
C LYS C 126 -5.91 -23.31 -37.22
N ILE C 127 -7.05 -22.65 -37.14
CA ILE C 127 -8.35 -23.31 -37.08
C ILE C 127 -9.16 -22.92 -38.32
N ARG C 128 -9.50 -23.90 -39.14
CA ARG C 128 -10.35 -23.71 -40.31
C ARG C 128 -11.81 -23.81 -39.88
N TYR C 129 -12.58 -22.75 -40.07
CA TYR C 129 -14.00 -22.79 -39.77
C TYR C 129 -14.79 -23.09 -41.03
N ILE C 130 -16.09 -23.28 -40.84
CA ILE C 130 -17.06 -23.32 -41.93
C ILE C 130 -18.34 -22.68 -41.40
N LEU C 131 -18.94 -21.79 -42.20
CA LEU C 131 -20.01 -20.92 -41.72
C LEU C 131 -21.17 -20.94 -42.69
N LYS C 132 -22.35 -21.29 -42.20
CA LYS C 132 -23.56 -21.24 -42.99
C LYS C 132 -24.33 -19.97 -42.63
N LYS C 133 -24.95 -19.36 -43.63
CA LYS C 133 -25.69 -18.11 -43.45
C LYS C 133 -27.18 -18.42 -43.32
N GLN C 134 -27.78 -17.97 -42.22
CA GLN C 134 -29.16 -18.27 -41.93
C GLN C 134 -30.11 -17.48 -42.83
N GLU C 135 -31.36 -17.93 -42.91
CA GLU C 135 -32.39 -17.19 -43.64
C GLU C 135 -32.51 -15.75 -43.15
N ASP C 136 -32.00 -15.49 -41.95
CA ASP C 136 -31.91 -14.18 -41.36
C ASP C 136 -30.72 -13.40 -41.92
N GLY C 137 -29.95 -14.00 -42.81
CA GLY C 137 -28.72 -13.41 -43.30
C GLY C 137 -27.61 -13.31 -42.27
N LEU C 138 -27.83 -13.82 -41.06
CA LEU C 138 -26.84 -13.76 -39.99
C LEU C 138 -25.89 -14.93 -40.13
N TRP C 139 -24.59 -14.64 -40.24
CA TRP C 139 -23.57 -15.67 -40.35
C TRP C 139 -23.38 -16.39 -39.04
N LYS C 140 -23.53 -17.71 -39.06
CA LYS C 140 -23.33 -18.54 -37.89
C LYS C 140 -22.26 -19.58 -38.18
N PHE C 141 -21.61 -20.04 -37.13
CA PHE C 141 -20.57 -21.04 -37.21
C PHE C 141 -21.19 -22.42 -37.14
N CYS C 142 -20.68 -23.33 -37.95
CA CYS C 142 -21.29 -24.65 -38.09
C CYS C 142 -20.29 -25.78 -37.87
N GLN C 143 -19.20 -25.83 -38.64
CA GLN C 143 -18.17 -26.84 -38.47
C GLN C 143 -16.82 -26.17 -38.21
N SER C 144 -15.92 -26.89 -37.54
CA SER C 144 -14.59 -26.37 -37.26
C SER C 144 -13.55 -27.49 -37.27
N ASP C 145 -12.32 -27.08 -37.57
CA ASP C 145 -11.20 -27.99 -37.69
C ASP C 145 -9.94 -27.20 -37.39
N ILE C 146 -8.92 -27.88 -36.88
CA ILE C 146 -7.64 -27.25 -36.57
C ILE C 146 -6.53 -28.00 -37.30
N GLN C 147 -5.70 -27.28 -38.04
CA GLN C 147 -4.60 -27.90 -38.79
C GLN C 147 -3.31 -27.09 -38.69
N SER C 176 -12.72 -38.36 -11.71
CA SER C 176 -13.93 -39.10 -12.08
C SER C 176 -14.01 -39.31 -13.58
N LEU C 177 -15.22 -39.56 -14.07
CA LEU C 177 -15.41 -39.97 -15.46
C LEU C 177 -15.39 -38.78 -16.42
N ASP C 178 -16.00 -37.66 -16.03
CA ASP C 178 -16.15 -36.49 -16.89
C ASP C 178 -15.07 -35.43 -16.69
N HIS C 179 -14.03 -35.72 -15.92
CA HIS C 179 -12.97 -34.75 -15.66
C HIS C 179 -12.44 -34.15 -16.96
N LEU C 180 -12.20 -32.85 -16.95
CA LEU C 180 -11.97 -32.05 -18.14
C LEU C 180 -10.52 -31.59 -18.24
N ASP C 181 -10.06 -31.45 -19.48
CA ASP C 181 -8.75 -30.89 -19.78
C ASP C 181 -8.90 -29.40 -20.10
N VAL C 182 -7.79 -28.70 -20.24
CA VAL C 182 -7.85 -27.31 -20.67
C VAL C 182 -7.87 -27.19 -22.19
N MET C 183 -7.22 -28.13 -22.90
CA MET C 183 -7.10 -28.02 -24.35
C MET C 183 -8.43 -28.05 -25.07
N MET C 184 -9.50 -28.52 -24.40
CA MET C 184 -10.82 -28.50 -25.02
C MET C 184 -11.18 -27.11 -25.49
N ALA C 185 -10.70 -26.09 -24.77
CA ALA C 185 -11.05 -24.70 -25.00
C ALA C 185 -10.58 -24.16 -26.33
N ARG C 186 -9.67 -24.85 -27.01
CA ARG C 186 -9.18 -24.37 -28.30
C ARG C 186 -10.34 -24.18 -29.27
N GLY C 187 -10.27 -23.11 -30.05
CA GLY C 187 -11.33 -22.83 -31.00
C GLY C 187 -11.61 -21.36 -31.19
N LYS D 16 -18.46 -27.20 0.85
CA LYS D 16 -18.52 -28.09 -0.29
C LYS D 16 -17.19 -28.12 -1.05
N ARG D 17 -16.63 -26.94 -1.28
CA ARG D 17 -15.45 -26.80 -2.12
C ARG D 17 -14.17 -27.10 -1.34
N PRO D 18 -13.14 -27.66 -1.99
CA PRO D 18 -11.84 -27.80 -1.33
C PRO D 18 -11.20 -26.45 -0.99
N MET D 19 -10.01 -26.51 -0.37
CA MET D 19 -9.30 -25.34 0.11
C MET D 19 -7.84 -25.46 -0.28
N ASP D 20 -7.18 -24.31 -0.42
CA ASP D 20 -5.72 -24.29 -0.51
C ASP D 20 -5.12 -25.05 0.66
N THR D 21 -4.17 -25.92 0.37
CA THR D 21 -3.51 -26.65 1.46
C THR D 21 -2.67 -25.69 2.31
N GLU D 22 -2.03 -24.71 1.67
CA GLU D 22 -1.25 -23.74 2.44
C GLU D 22 -2.15 -22.86 3.30
N GLU D 23 -3.38 -22.58 2.88
CA GLU D 23 -4.31 -21.87 3.75
C GLU D 23 -4.56 -22.65 5.03
N ALA D 24 -4.54 -23.98 4.96
CA ALA D 24 -4.70 -24.82 6.13
C ALA D 24 -3.44 -24.87 6.99
N GLU D 25 -2.30 -25.15 6.37
CA GLU D 25 -1.05 -25.23 7.11
C GLU D 25 -0.78 -23.94 7.86
N GLU D 26 -0.86 -22.80 7.15
CA GLU D 26 -0.70 -21.51 7.81
C GLU D 26 -1.67 -21.34 8.96
N LEU D 27 -2.86 -21.94 8.85
CA LEU D 27 -3.81 -21.88 9.95
C LEU D 27 -3.41 -22.79 11.10
N VAL D 28 -3.10 -24.05 10.78
CA VAL D 28 -2.87 -25.02 11.84
C VAL D 28 -1.52 -24.79 12.51
N ARG D 29 -0.47 -24.56 11.70
CA ARG D 29 0.80 -24.18 12.30
C ARG D 29 0.65 -22.92 13.13
N GLN D 30 -0.30 -22.06 12.79
CA GLN D 30 -0.56 -20.91 13.65
C GLN D 30 -1.36 -21.31 14.88
N TRP D 31 -2.34 -22.20 14.72
CA TRP D 31 -3.02 -22.69 15.91
C TRP D 31 -2.07 -23.49 16.78
N GLU D 32 -1.33 -24.42 16.18
CA GLU D 32 -0.41 -25.21 16.99
C GLU D 32 0.64 -24.33 17.65
N ASN D 33 1.02 -23.22 17.01
CA ASN D 33 1.97 -22.33 17.66
C ASN D 33 1.33 -21.64 18.85
N VAL D 34 0.06 -21.21 18.74
CA VAL D 34 -0.57 -20.54 19.86
C VAL D 34 -1.06 -21.51 20.92
N LYS D 35 -0.98 -22.82 20.66
CA LYS D 35 -1.14 -23.78 21.74
C LYS D 35 0.11 -23.85 22.59
N ALA D 36 1.28 -23.98 21.94
CA ALA D 36 2.54 -24.00 22.67
C ALA D 36 2.75 -22.73 23.45
N GLU D 37 2.37 -21.59 22.87
CA GLU D 37 2.53 -20.29 23.51
C GLU D 37 1.71 -20.20 24.79
N ALA D 38 0.43 -20.56 24.71
CA ALA D 38 -0.42 -20.55 25.91
C ALA D 38 0.04 -21.58 26.92
N LEU D 39 0.59 -22.71 26.47
CA LEU D 39 0.92 -23.79 27.37
C LEU D 39 2.37 -23.80 27.79
N GLY D 40 3.18 -22.86 27.30
CA GLY D 40 4.52 -22.69 27.79
C GLY D 40 4.53 -21.82 29.03
N PRO D 41 5.72 -21.57 29.57
CA PRO D 41 5.82 -20.73 30.77
C PRO D 41 5.42 -19.29 30.52
N THR D 42 5.50 -18.81 29.28
CA THR D 42 4.92 -17.52 28.93
C THR D 42 3.46 -17.46 29.32
N HIS D 43 2.78 -18.60 29.27
CA HIS D 43 1.37 -18.73 29.68
C HIS D 43 0.52 -17.64 29.07
N GLN D 44 0.57 -17.52 27.75
CA GLN D 44 -0.18 -16.44 27.14
C GLN D 44 -1.57 -17.02 26.96
N VAL D 45 -2.47 -16.66 27.88
CA VAL D 45 -3.78 -17.29 27.90
C VAL D 45 -4.71 -16.59 26.92
N TYR D 46 -4.64 -15.26 26.86
CA TYR D 46 -5.42 -14.50 25.90
C TYR D 46 -5.13 -14.95 24.47
N SER D 47 -3.91 -15.45 24.22
CA SER D 47 -3.50 -15.76 22.85
C SER D 47 -4.33 -16.87 22.27
N LEU D 48 -5.01 -17.64 23.12
CA LEU D 48 -6.06 -18.53 22.64
C LEU D 48 -7.15 -17.74 21.91
N SER D 49 -7.48 -16.55 22.42
CA SER D 49 -8.63 -15.82 21.87
C SER D 49 -8.42 -15.41 20.43
N GLU D 50 -7.16 -15.26 19.99
CA GLU D 50 -6.89 -14.88 18.61
C GLU D 50 -7.38 -15.96 17.64
N VAL D 51 -6.88 -17.18 17.81
CA VAL D 51 -7.11 -18.27 16.85
C VAL D 51 -8.23 -19.20 17.28
N LEU D 52 -8.83 -18.99 18.45
CA LEU D 52 -9.88 -19.87 18.94
C LEU D 52 -11.18 -19.11 19.07
N ASP D 53 -12.27 -19.86 19.07
CA ASP D 53 -13.59 -19.31 19.34
C ASP D 53 -14.49 -20.46 19.79
N GLU D 54 -15.64 -20.09 20.35
CA GLU D 54 -16.71 -21.04 20.74
C GLU D 54 -16.12 -22.06 21.71
N SER D 55 -16.47 -23.34 21.58
CA SER D 55 -16.05 -24.33 22.58
C SER D 55 -14.54 -24.52 22.56
N MET D 56 -13.93 -24.63 21.37
CA MET D 56 -12.50 -24.88 21.35
C MET D 56 -11.69 -23.73 21.89
N LEU D 57 -12.32 -22.57 22.12
CA LEU D 57 -11.68 -21.57 22.97
C LEU D 57 -11.87 -21.92 24.44
N VAL D 58 -13.10 -22.20 24.87
CA VAL D 58 -13.38 -22.44 26.28
C VAL D 58 -12.66 -23.67 26.77
N GLN D 59 -12.67 -24.74 25.96
CA GLN D 59 -11.92 -25.94 26.29
C GLN D 59 -10.46 -25.59 26.62
N TRP D 60 -9.75 -25.02 25.65
CA TRP D 60 -8.35 -24.67 25.88
C TRP D 60 -8.18 -23.43 26.73
N GLN D 61 -9.24 -22.64 26.94
CA GLN D 61 -9.13 -21.53 27.90
C GLN D 61 -9.00 -22.07 29.31
N THR D 62 -9.90 -22.98 29.70
CA THR D 62 -9.82 -23.58 31.03
C THR D 62 -8.47 -24.27 31.24
N LEU D 63 -7.99 -24.99 30.23
CA LEU D 63 -6.69 -25.64 30.35
C LEU D 63 -5.59 -24.64 30.69
N ALA D 64 -5.32 -23.70 29.80
CA ALA D 64 -4.27 -22.72 30.06
C ALA D 64 -4.57 -21.84 31.27
N GLN D 65 -5.84 -21.70 31.65
CA GLN D 65 -6.17 -21.06 32.92
C GLN D 65 -5.76 -21.95 34.10
N THR D 66 -5.90 -23.28 33.94
CA THR D 66 -5.50 -24.19 35.01
C THR D 66 -4.00 -24.35 35.08
N ALA D 67 -3.34 -24.51 33.93
CA ALA D 67 -1.90 -24.72 33.92
C ALA D 67 -1.15 -23.53 34.48
N GLU D 68 -1.70 -22.32 34.33
CA GLU D 68 -1.05 -21.15 34.89
C GLU D 68 -1.14 -21.16 36.41
N ALA D 69 -2.27 -21.62 36.95
CA ALA D 69 -2.43 -21.72 38.40
C ALA D 69 -1.42 -22.71 39.00
N LYS D 70 -1.16 -23.81 38.30
CA LYS D 70 -0.18 -24.79 38.74
C LYS D 70 1.25 -24.35 38.51
N SER D 71 1.46 -23.20 37.86
CA SER D 71 2.80 -22.73 37.48
C SER D 71 3.56 -23.81 36.74
N CYS D 72 2.83 -24.55 35.91
CA CYS D 72 3.35 -25.63 35.10
C CYS D 72 3.18 -25.29 33.63
N TYR D 73 4.02 -25.88 32.79
CA TYR D 73 4.06 -25.51 31.39
C TYR D 73 4.31 -26.72 30.52
N TRP D 74 4.06 -26.54 29.23
CA TRP D 74 4.27 -27.56 28.20
C TRP D 74 5.38 -27.13 27.28
N ARG D 75 6.41 -27.94 27.16
CA ARG D 75 7.33 -27.85 26.04
C ARG D 75 6.77 -28.69 24.90
N PHE D 76 6.66 -28.09 23.71
CA PHE D 76 6.17 -28.81 22.54
C PHE D 76 7.24 -28.87 21.46
N VAL D 77 7.23 -29.96 20.71
CA VAL D 77 7.94 -30.11 19.45
C VAL D 77 6.99 -30.79 18.49
N LEU D 78 6.62 -30.10 17.41
CA LEU D 78 5.66 -30.64 16.43
C LEU D 78 6.45 -31.11 15.20
N LEU D 79 6.57 -32.43 15.06
CA LEU D 79 7.58 -32.99 14.17
C LEU D 79 7.13 -32.97 12.72
N HIS D 80 5.87 -33.30 12.45
CA HIS D 80 5.37 -33.17 11.09
C HIS D 80 3.91 -32.72 11.12
N LEU D 81 3.60 -31.74 10.28
CA LEU D 81 2.23 -31.32 10.03
C LEU D 81 1.87 -31.71 8.61
N GLU D 82 0.74 -32.40 8.46
CA GLU D 82 0.26 -32.81 7.15
C GLU D 82 -1.23 -32.54 7.11
N VAL D 83 -1.67 -31.73 6.14
CA VAL D 83 -3.09 -31.49 5.93
C VAL D 83 -3.65 -32.64 5.11
N LEU D 84 -4.68 -33.30 5.64
CA LEU D 84 -5.25 -34.48 4.99
C LEU D 84 -6.29 -34.08 3.96
N GLN D 85 -7.45 -33.60 4.42
CA GLN D 85 -8.46 -33.03 3.54
C GLN D 85 -9.04 -31.79 4.19
N ALA D 86 -8.94 -30.66 3.48
CA ALA D 86 -9.47 -29.39 3.96
C ALA D 86 -10.50 -28.88 2.96
N HIS D 87 -11.74 -28.73 3.42
CA HIS D 87 -12.84 -28.26 2.59
C HIS D 87 -13.30 -26.91 3.10
N ILE D 88 -13.91 -26.14 2.21
CA ILE D 88 -14.46 -24.83 2.56
C ILE D 88 -15.97 -24.96 2.47
N PHE D 89 -16.63 -25.00 3.61
CA PHE D 89 -18.07 -24.87 3.63
C PHE D 89 -18.44 -23.39 3.50
N GLU D 90 -19.63 -23.12 2.98
CA GLU D 90 -20.18 -21.77 3.01
C GLU D 90 -19.36 -20.74 2.22
N ASP D 91 -18.59 -21.15 1.20
CA ASP D 91 -17.36 -20.46 0.84
C ASP D 91 -17.51 -18.95 0.79
N GLY D 92 -18.52 -18.45 0.11
CA GLY D 92 -18.55 -17.01 -0.09
C GLY D 92 -19.16 -16.07 0.95
N ILE D 93 -20.25 -16.46 1.59
CA ILE D 93 -21.34 -15.54 1.90
C ILE D 93 -21.75 -15.63 3.37
N ALA D 94 -22.10 -14.50 4.00
CA ALA D 94 -22.35 -14.42 5.46
C ALA D 94 -21.10 -14.98 6.13
N GLY D 95 -21.22 -15.87 7.12
CA GLY D 95 -20.05 -16.60 7.57
C GLY D 95 -19.70 -17.72 6.59
N GLU D 96 -18.40 -17.91 6.37
CA GLU D 96 -17.91 -19.11 5.73
C GLU D 96 -17.20 -19.97 6.76
N ALA D 97 -17.28 -21.28 6.59
CA ALA D 97 -16.70 -22.21 7.55
C ALA D 97 -15.87 -23.24 6.81
N ALA D 98 -14.96 -23.88 7.54
CA ALA D 98 -14.10 -24.88 6.94
C ALA D 98 -13.88 -26.02 7.91
N GLU D 99 -13.71 -27.22 7.36
CA GLU D 99 -13.40 -28.41 8.14
C GLU D 99 -11.99 -28.84 7.76
N ILE D 100 -11.11 -28.95 8.75
CA ILE D 100 -9.75 -29.39 8.53
C ILE D 100 -9.41 -30.46 9.54
N GLU D 101 -9.12 -31.66 9.06
CA GLU D 101 -8.54 -32.71 9.88
C GLU D 101 -7.10 -32.92 9.43
N ALA D 102 -6.18 -32.85 10.39
CA ALA D 102 -4.76 -32.85 10.09
C ALA D 102 -4.05 -33.95 10.88
N LEU D 103 -2.92 -34.40 10.33
CA LEU D 103 -2.12 -35.45 10.95
C LEU D 103 -0.97 -34.75 11.66
N LEU D 104 -1.04 -34.72 12.98
CA LEU D 104 -0.06 -34.01 13.80
C LEU D 104 0.83 -35.03 14.49
N GLU D 105 2.14 -34.85 14.34
CA GLU D 105 3.13 -35.70 14.98
C GLU D 105 3.96 -34.82 15.90
N GLU D 106 3.81 -35.02 17.21
CA GLU D 106 4.44 -34.13 18.18
C GLU D 106 4.95 -34.92 19.37
N ALA D 107 5.83 -34.28 20.12
CA ALA D 107 6.33 -34.80 21.39
C ALA D 107 6.32 -33.67 22.40
N ALA D 108 5.53 -33.81 23.45
CA ALA D 108 5.35 -32.74 24.42
C ALA D 108 5.81 -33.18 25.80
N GLU D 109 6.08 -32.19 26.64
CA GLU D 109 6.55 -32.40 27.99
C GLU D 109 5.82 -31.41 28.88
N LEU D 110 5.17 -31.91 29.93
CA LEU D 110 4.52 -31.05 30.92
C LEU D 110 5.46 -30.98 32.12
N VAL D 111 6.04 -29.81 32.32
CA VAL D 111 7.02 -29.65 33.39
C VAL D 111 6.29 -29.41 34.70
N ASP D 112 6.51 -30.30 35.66
CA ASP D 112 6.03 -30.12 37.03
C ASP D 112 7.20 -30.34 37.97
N GLU D 113 7.54 -29.33 38.76
CA GLU D 113 8.39 -29.57 39.91
C GLU D 113 7.58 -30.00 41.11
N SER D 114 6.25 -30.00 41.00
CA SER D 114 5.43 -30.71 41.98
C SER D 114 5.41 -32.21 41.73
N GLN D 115 5.99 -32.67 40.63
CA GLN D 115 6.05 -34.08 40.28
C GLN D 115 7.49 -34.57 40.29
N PRO D 116 7.73 -35.83 40.66
CA PRO D 116 9.12 -36.32 40.72
C PRO D 116 9.85 -36.22 39.39
N LYS D 117 9.20 -36.64 38.30
CA LYS D 117 9.66 -36.31 36.96
C LYS D 117 8.49 -35.78 36.15
N ASN D 118 8.80 -34.82 35.30
CA ASN D 118 7.80 -34.22 34.42
C ASN D 118 7.32 -35.24 33.40
N ALA D 119 6.01 -35.45 33.36
CA ALA D 119 5.43 -36.36 32.38
C ALA D 119 5.69 -35.85 30.97
N LYS D 120 5.76 -36.78 30.03
CA LYS D 120 6.02 -36.45 28.63
C LYS D 120 5.25 -37.42 27.75
N TYR D 121 5.02 -37.02 26.50
CA TYR D 121 4.38 -37.91 25.54
C TYR D 121 4.94 -37.70 24.14
N TYR D 122 4.65 -38.67 23.28
CA TYR D 122 4.81 -38.59 21.84
C TYR D 122 3.53 -39.11 21.22
N SER D 123 3.02 -38.40 20.23
CA SER D 123 1.72 -38.77 19.65
C SER D 123 1.73 -38.51 18.16
N THR D 124 1.27 -39.50 17.40
CA THR D 124 0.86 -39.33 16.02
C THR D 124 -0.63 -39.61 15.98
N TYR D 125 -1.42 -38.65 15.49
CA TYR D 125 -2.87 -38.78 15.59
C TYR D 125 -3.54 -37.88 14.57
N LYS D 126 -4.86 -37.98 14.52
CA LYS D 126 -5.72 -37.16 13.68
C LYS D 126 -6.62 -36.31 14.57
N ILE D 127 -6.63 -35.01 14.32
CA ILE D 127 -7.55 -34.08 14.95
C ILE D 127 -8.31 -33.36 13.85
N ARG D 128 -9.58 -33.09 14.08
CA ARG D 128 -10.43 -32.44 13.08
C ARG D 128 -10.92 -31.11 13.61
N TYR D 129 -10.81 -30.07 12.79
CA TYR D 129 -11.07 -28.69 13.17
C TYR D 129 -12.25 -28.14 12.39
N ILE D 130 -13.22 -27.59 13.11
CA ILE D 130 -14.31 -26.81 12.52
C ILE D 130 -14.00 -25.35 12.81
N LEU D 131 -13.69 -24.60 11.76
CA LEU D 131 -13.38 -23.19 11.86
C LEU D 131 -14.54 -22.39 11.29
N LYS D 132 -14.80 -21.22 11.85
CA LYS D 132 -15.83 -20.33 11.35
C LYS D 132 -15.25 -18.92 11.18
N LYS D 133 -15.37 -18.38 9.97
CA LYS D 133 -14.97 -17.00 9.71
C LYS D 133 -15.87 -16.05 10.48
N GLN D 134 -15.25 -15.15 11.25
CA GLN D 134 -15.99 -14.27 12.13
C GLN D 134 -16.73 -13.24 11.28
N GLU D 135 -17.46 -12.32 11.93
CA GLU D 135 -18.12 -11.25 11.20
C GLU D 135 -17.12 -10.51 10.31
N ASP D 136 -15.91 -10.28 10.81
CA ASP D 136 -14.82 -9.71 10.03
C ASP D 136 -14.18 -10.85 9.24
N GLY D 137 -13.06 -10.61 8.55
CA GLY D 137 -12.42 -11.63 7.75
C GLY D 137 -11.51 -12.60 8.48
N LEU D 138 -11.50 -12.60 9.81
CA LEU D 138 -10.56 -13.42 10.56
C LEU D 138 -11.10 -14.82 10.80
N TRP D 139 -10.19 -15.80 10.74
CA TRP D 139 -10.48 -17.22 10.87
C TRP D 139 -10.31 -17.65 12.31
N LYS D 140 -11.27 -18.39 12.86
CA LYS D 140 -11.17 -18.82 14.25
C LYS D 140 -11.59 -20.28 14.38
N PHE D 141 -10.76 -21.06 15.08
CA PHE D 141 -11.04 -22.47 15.30
C PHE D 141 -12.09 -22.60 16.39
N CYS D 142 -13.27 -23.14 16.05
CA CYS D 142 -14.30 -23.29 17.06
C CYS D 142 -14.45 -24.69 17.66
N GLN D 143 -13.88 -25.73 17.04
CA GLN D 143 -14.08 -27.08 17.59
C GLN D 143 -12.93 -27.98 17.18
N SER D 144 -12.57 -28.89 18.07
CA SER D 144 -11.57 -29.90 17.79
C SER D 144 -12.06 -31.24 18.32
N ASP D 145 -11.87 -32.29 17.52
CA ASP D 145 -12.16 -33.65 17.95
C ASP D 145 -11.02 -34.55 17.51
N ILE D 146 -10.32 -35.16 18.47
CA ILE D 146 -9.26 -36.13 18.15
C ILE D 146 -9.92 -37.43 17.72
N GLN D 147 -9.22 -38.16 16.85
CA GLN D 147 -9.72 -39.43 16.35
C GLN D 147 -8.56 -40.40 16.20
N ILE D 148 -8.91 -41.68 16.04
CA ILE D 148 -7.93 -42.75 15.88
C ILE D 148 -7.43 -42.82 14.45
N GLN D 149 -6.15 -43.15 14.30
CA GLN D 149 -5.58 -43.33 12.97
C GLN D 149 -6.00 -44.66 12.35
N LYS D 150 -5.81 -45.75 13.09
CA LYS D 150 -6.14 -47.10 12.65
C LYS D 150 -5.51 -47.44 11.29
N LEU D 177 -1.61 -34.22 43.34
CA LEU D 177 -3.01 -33.84 43.45
C LEU D 177 -3.48 -33.14 42.17
N ASP D 178 -2.57 -32.45 41.49
CA ASP D 178 -2.93 -31.72 40.28
C ASP D 178 -3.52 -32.66 39.23
N HIS D 179 -4.52 -32.17 38.51
CA HIS D 179 -5.27 -32.95 37.53
C HIS D 179 -4.74 -32.81 36.09
N LEU D 180 -3.62 -32.14 35.87
CA LEU D 180 -3.07 -31.96 34.54
C LEU D 180 -2.26 -33.17 34.07
N ASP D 181 -2.54 -33.62 32.85
CA ASP D 181 -1.86 -34.71 32.17
C ASP D 181 -1.18 -34.17 30.92
N VAL D 182 -0.05 -34.76 30.53
CA VAL D 182 0.59 -34.32 29.27
C VAL D 182 -0.38 -34.43 28.11
N MET D 183 -1.23 -35.46 28.11
CA MET D 183 -2.13 -35.67 26.99
C MET D 183 -3.25 -34.65 26.93
N MET D 184 -3.39 -33.78 27.93
CA MET D 184 -4.38 -32.71 27.87
C MET D 184 -4.24 -31.90 26.58
N ALA D 185 -3.02 -31.69 26.14
CA ALA D 185 -2.73 -30.81 25.02
C ALA D 185 -2.42 -31.66 23.80
N ARG D 186 -3.36 -31.69 22.84
CA ARG D 186 -3.17 -32.40 21.59
C ARG D 186 -3.85 -31.62 20.49
N GLY D 187 -3.23 -31.58 19.32
CA GLY D 187 -3.72 -30.81 18.20
C GLY D 187 -3.69 -29.33 18.48
N LYS E 16 -25.30 69.99 -24.13
CA LYS E 16 -26.37 70.01 -25.11
C LYS E 16 -25.79 69.79 -26.50
N ARG E 17 -24.93 68.78 -26.62
CA ARG E 17 -24.09 68.59 -27.78
C ARG E 17 -23.95 67.09 -28.07
N PRO E 18 -23.80 66.72 -29.34
CA PRO E 18 -23.95 65.31 -29.71
C PRO E 18 -22.68 64.53 -29.41
N MET E 19 -22.86 63.22 -29.26
CA MET E 19 -21.78 62.25 -29.46
C MET E 19 -22.42 60.93 -29.82
N ASP E 20 -21.76 60.18 -30.70
CA ASP E 20 -22.33 58.96 -31.23
C ASP E 20 -22.15 57.83 -30.24
N THR E 21 -23.26 57.30 -29.72
CA THR E 21 -23.14 56.23 -28.73
C THR E 21 -22.59 54.95 -29.37
N GLU E 22 -22.76 54.80 -30.68
CA GLU E 22 -22.10 53.68 -31.37
C GLU E 22 -20.60 53.95 -31.51
N GLU E 23 -20.23 55.20 -31.76
CA GLU E 23 -18.81 55.55 -31.78
C GLU E 23 -18.23 55.56 -30.37
N ALA E 24 -18.92 56.24 -29.43
CA ALA E 24 -18.39 56.40 -28.09
C ALA E 24 -18.15 55.06 -27.42
N GLU E 25 -19.07 54.10 -27.60
CA GLU E 25 -18.85 52.75 -27.07
C GLU E 25 -17.62 52.11 -27.72
N GLU E 26 -17.42 52.33 -29.02
CA GLU E 26 -16.27 51.74 -29.68
C GLU E 26 -14.96 52.30 -29.14
N LEU E 27 -14.91 53.61 -28.86
CA LEU E 27 -13.70 54.18 -28.27
C LEU E 27 -13.34 53.47 -26.97
N VAL E 28 -14.34 53.18 -26.15
CA VAL E 28 -14.05 52.55 -24.86
C VAL E 28 -13.82 51.05 -25.05
N ARG E 29 -14.53 50.41 -25.99
CA ARG E 29 -14.29 49.00 -26.26
C ARG E 29 -12.89 48.80 -26.84
N GLN E 30 -12.42 49.74 -27.65
CA GLN E 30 -11.03 49.69 -28.11
C GLN E 30 -10.08 50.03 -26.97
N TRP E 31 -10.53 50.84 -26.01
CA TRP E 31 -9.69 51.22 -24.88
C TRP E 31 -9.58 50.10 -23.86
N GLU E 32 -10.70 49.48 -23.50
CA GLU E 32 -10.67 48.41 -22.50
C GLU E 32 -9.72 47.30 -22.90
N ASN E 33 -9.60 47.04 -24.20
CA ASN E 33 -8.60 46.09 -24.68
C ASN E 33 -7.18 46.64 -24.51
N VAL E 34 -7.01 47.97 -24.68
CA VAL E 34 -5.68 48.55 -24.55
C VAL E 34 -5.18 48.47 -23.11
N LYS E 35 -6.08 48.69 -22.14
CA LYS E 35 -5.68 48.52 -20.74
C LYS E 35 -5.23 47.10 -20.48
N ALA E 36 -5.87 46.14 -21.13
CA ALA E 36 -5.51 44.73 -20.95
C ALA E 36 -4.13 44.45 -21.52
N GLU E 37 -3.93 44.74 -22.80
CA GLU E 37 -2.69 44.36 -23.46
C GLU E 37 -1.49 45.05 -22.81
N ALA E 38 -1.72 46.20 -22.17
CA ALA E 38 -0.68 46.96 -21.50
C ALA E 38 -0.36 46.40 -20.12
N LEU E 39 -1.38 46.19 -19.29
CA LEU E 39 -1.16 45.69 -17.95
C LEU E 39 -0.90 44.19 -17.93
N GLY E 40 -1.44 43.47 -18.91
CA GLY E 40 -1.36 42.04 -18.95
C GLY E 40 0.03 41.52 -19.25
N PRO E 41 0.14 40.21 -19.46
CA PRO E 41 1.48 39.61 -19.52
C PRO E 41 2.30 40.07 -20.72
N THR E 42 1.67 40.49 -21.81
CA THR E 42 2.43 41.12 -22.89
C THR E 42 3.11 42.40 -22.42
N HIS E 43 2.52 43.08 -21.43
CA HIS E 43 3.10 44.28 -20.83
C HIS E 43 3.52 45.28 -21.89
N GLN E 44 2.58 45.63 -22.77
CA GLN E 44 2.90 46.60 -23.82
C GLN E 44 2.55 47.97 -23.26
N VAL E 45 3.57 48.73 -22.87
CA VAL E 45 3.30 50.03 -22.30
C VAL E 45 3.14 51.08 -23.39
N TYR E 46 3.80 50.91 -24.53
CA TYR E 46 3.65 51.88 -25.62
C TYR E 46 2.22 51.88 -26.14
N SER E 47 1.52 50.74 -26.06
CA SER E 47 0.17 50.66 -26.60
C SER E 47 -0.80 51.55 -25.83
N LEU E 48 -0.45 51.98 -24.61
CA LEU E 48 -1.27 52.99 -23.94
C LEU E 48 -1.32 54.26 -24.77
N SER E 49 -0.16 54.68 -25.31
CA SER E 49 -0.09 55.89 -26.13
C SER E 49 -1.04 55.84 -27.31
N GLU E 50 -1.50 54.65 -27.71
CA GLU E 50 -2.41 54.56 -28.85
C GLU E 50 -3.75 55.22 -28.53
N VAL E 51 -4.42 54.79 -27.46
CA VAL E 51 -5.72 55.34 -27.10
C VAL E 51 -5.68 56.34 -25.95
N LEU E 52 -4.50 56.62 -25.37
CA LEU E 52 -4.45 57.48 -24.20
C LEU E 52 -3.62 58.74 -24.45
N ASP E 53 -3.91 59.76 -23.66
CA ASP E 53 -3.30 61.07 -23.79
C ASP E 53 -3.28 61.74 -22.41
N GLU E 54 -2.41 62.76 -22.27
CA GLU E 54 -2.34 63.59 -21.08
C GLU E 54 -2.26 62.81 -19.77
N SER E 55 -3.04 63.24 -18.77
CA SER E 55 -2.92 62.66 -17.43
C SER E 55 -3.18 61.17 -17.45
N MET E 56 -4.27 60.74 -18.10
CA MET E 56 -4.60 59.32 -18.14
C MET E 56 -3.53 58.49 -18.82
N LEU E 57 -2.71 59.10 -19.69
CA LEU E 57 -1.58 58.35 -20.22
C LEU E 57 -0.50 58.15 -19.15
N VAL E 58 -0.20 59.20 -18.39
CA VAL E 58 0.87 59.11 -17.39
C VAL E 58 0.48 58.16 -16.26
N GLN E 59 -0.79 58.20 -15.84
CA GLN E 59 -1.24 57.31 -14.78
C GLN E 59 -1.08 55.85 -15.16
N TRP E 60 -1.64 55.47 -16.31
CA TRP E 60 -1.61 54.08 -16.73
C TRP E 60 -0.27 53.68 -17.35
N GLN E 61 0.54 54.64 -17.80
CA GLN E 61 1.92 54.32 -18.10
C GLN E 61 2.66 53.95 -16.82
N THR E 62 2.45 54.72 -15.75
CA THR E 62 3.08 54.41 -14.46
C THR E 62 2.66 53.04 -13.97
N LEU E 63 1.36 52.76 -14.04
CA LEU E 63 0.86 51.49 -13.53
C LEU E 63 1.38 50.32 -14.37
N ALA E 64 1.28 50.43 -15.69
CA ALA E 64 1.76 49.35 -16.55
C ALA E 64 3.24 49.09 -16.33
N GLN E 65 4.05 50.13 -16.39
CA GLN E 65 5.48 49.97 -16.18
C GLN E 65 5.80 49.52 -14.75
N THR E 66 5.01 49.98 -13.77
CA THR E 66 5.26 49.58 -12.38
C THR E 66 5.03 48.09 -12.21
N ALA E 67 3.84 47.61 -12.60
CA ALA E 67 3.54 46.19 -12.51
C ALA E 67 4.51 45.36 -13.34
N GLU E 68 4.97 45.89 -14.47
CA GLU E 68 5.91 45.14 -15.30
C GLU E 68 7.28 45.06 -14.63
N ALA E 69 7.71 46.13 -13.97
CA ALA E 69 8.98 46.07 -13.25
C ALA E 69 8.92 45.07 -12.10
N LYS E 70 7.82 45.07 -11.35
CA LYS E 70 7.61 44.15 -10.24
C LYS E 70 7.31 42.72 -10.70
N SER E 71 7.22 42.48 -12.01
CA SER E 71 6.97 41.16 -12.58
C SER E 71 5.58 40.64 -12.20
N CYS E 72 4.61 41.56 -12.14
CA CYS E 72 3.21 41.25 -11.92
C CYS E 72 2.40 41.72 -13.12
N TYR E 73 1.48 40.88 -13.58
CA TYR E 73 0.69 41.21 -14.77
C TYR E 73 -0.80 41.09 -14.48
N TRP E 74 -1.56 42.04 -15.00
CA TRP E 74 -2.98 42.18 -14.74
C TRP E 74 -3.82 41.37 -15.71
N ARG E 75 -4.95 40.87 -15.22
CA ARG E 75 -5.87 40.08 -16.03
C ARG E 75 -7.28 40.55 -15.73
N PHE E 76 -8.01 40.97 -16.77
CA PHE E 76 -9.42 41.30 -16.61
C PHE E 76 -10.21 41.02 -17.87
N VAL E 77 -11.47 40.63 -17.66
CA VAL E 77 -12.45 40.45 -18.72
C VAL E 77 -13.54 41.50 -18.53
N LEU E 78 -13.90 42.19 -19.60
CA LEU E 78 -14.90 43.24 -19.54
C LEU E 78 -16.25 42.61 -19.87
N LEU E 79 -17.13 42.54 -18.87
CA LEU E 79 -18.37 41.80 -19.06
C LEU E 79 -19.33 42.55 -19.96
N HIS E 80 -19.67 43.79 -19.60
CA HIS E 80 -20.49 44.59 -20.49
C HIS E 80 -20.20 46.07 -20.33
N LEU E 81 -20.37 46.80 -21.43
CA LEU E 81 -20.17 48.23 -21.51
C LEU E 81 -21.50 48.89 -21.87
N GLU E 82 -21.86 49.93 -21.14
CA GLU E 82 -23.03 50.74 -21.41
C GLU E 82 -22.60 52.20 -21.48
N VAL E 83 -23.14 52.93 -22.43
CA VAL E 83 -22.86 54.36 -22.58
C VAL E 83 -24.10 55.10 -22.10
N LEU E 84 -23.97 55.79 -20.96
CA LEU E 84 -25.11 56.53 -20.40
C LEU E 84 -25.30 57.87 -21.10
N GLN E 85 -24.24 58.66 -21.20
CA GLN E 85 -24.29 59.96 -21.85
C GLN E 85 -22.99 60.21 -22.57
N ALA E 86 -23.09 60.71 -23.80
CA ALA E 86 -21.93 61.03 -24.61
C ALA E 86 -22.17 62.37 -25.28
N HIS E 87 -21.30 63.34 -25.00
CA HIS E 87 -21.42 64.68 -25.56
C HIS E 87 -20.10 65.07 -26.19
N ILE E 88 -20.15 65.86 -27.26
CA ILE E 88 -18.97 66.52 -27.79
C ILE E 88 -19.13 68.00 -27.52
N PHE E 89 -18.37 68.50 -26.56
CA PHE E 89 -18.21 69.93 -26.40
C PHE E 89 -16.77 70.24 -26.77
N GLU E 90 -16.58 71.36 -27.40
CA GLU E 90 -15.25 71.80 -27.77
C GLU E 90 -14.65 72.77 -26.76
N ASP E 91 -15.45 73.31 -25.84
CA ASP E 91 -14.98 74.15 -24.73
C ASP E 91 -14.31 75.38 -25.32
N GLY E 92 -13.06 75.68 -24.99
CA GLY E 92 -12.38 76.75 -25.65
C GLY E 92 -12.08 76.41 -27.10
N ILE E 93 -11.59 77.42 -27.84
CA ILE E 93 -11.21 77.21 -29.23
C ILE E 93 -10.10 76.16 -29.37
N ALA E 94 -9.48 75.77 -28.26
CA ALA E 94 -8.26 74.96 -28.31
C ALA E 94 -8.47 73.65 -29.07
N GLY E 95 -9.38 72.82 -28.59
CA GLY E 95 -9.62 71.54 -29.25
C GLY E 95 -10.98 70.98 -28.96
N GLU E 96 -11.46 70.13 -29.88
CA GLU E 96 -12.70 69.42 -29.68
C GLU E 96 -12.54 68.38 -28.57
N ALA E 97 -13.54 68.29 -27.71
CA ALA E 97 -13.50 67.39 -26.56
C ALA E 97 -14.78 66.57 -26.51
N ALA E 98 -14.78 65.55 -25.65
CA ALA E 98 -15.95 64.70 -25.52
C ALA E 98 -16.06 64.20 -24.08
N GLU E 99 -17.30 64.01 -23.64
CA GLU E 99 -17.62 63.50 -22.31
C GLU E 99 -18.46 62.25 -22.47
N ILE E 100 -17.90 61.11 -22.10
CA ILE E 100 -18.58 59.82 -22.18
C ILE E 100 -18.77 59.30 -20.77
N GLU E 101 -20.04 59.18 -20.36
CA GLU E 101 -20.35 58.46 -19.13
C GLU E 101 -20.64 57.02 -19.50
N ALA E 102 -19.79 56.11 -19.04
CA ALA E 102 -19.87 54.70 -19.39
C ALA E 102 -20.05 53.88 -18.12
N LEU E 103 -21.00 52.94 -18.16
CA LEU E 103 -21.22 51.98 -17.09
C LEU E 103 -20.46 50.71 -17.47
N LEU E 104 -19.42 50.39 -16.71
CA LEU E 104 -18.54 49.28 -17.02
C LEU E 104 -18.73 48.16 -16.02
N GLU E 105 -18.95 46.96 -16.53
CA GLU E 105 -19.08 45.75 -15.74
C GLU E 105 -17.90 44.86 -16.09
N GLU E 106 -16.94 44.71 -15.18
CA GLU E 106 -15.75 43.93 -15.47
C GLU E 106 -15.18 43.37 -14.18
N ALA E 107 -14.36 42.33 -14.33
CA ALA E 107 -13.70 41.68 -13.21
C ALA E 107 -12.22 41.48 -13.54
N ALA E 108 -11.39 41.43 -12.50
CA ALA E 108 -9.96 41.30 -12.70
C ALA E 108 -9.30 40.60 -11.52
N GLU E 109 -8.21 39.90 -11.82
CA GLU E 109 -7.31 39.34 -10.83
C GLU E 109 -5.88 39.64 -11.25
N LEU E 110 -5.15 40.39 -10.43
CA LEU E 110 -3.74 40.62 -10.72
C LEU E 110 -2.97 39.33 -10.46
N VAL E 111 -2.30 38.83 -11.50
CA VAL E 111 -1.60 37.56 -11.41
C VAL E 111 -0.18 37.82 -10.93
N ASP E 112 0.15 37.31 -9.75
CA ASP E 112 1.50 37.43 -9.20
C ASP E 112 2.06 36.05 -8.88
N GLU E 113 3.32 35.85 -9.24
CA GLU E 113 4.02 34.60 -8.91
C GLU E 113 4.12 34.39 -7.41
N SER E 114 4.22 35.48 -6.63
CA SER E 114 4.49 35.36 -5.20
C SER E 114 3.41 34.57 -4.49
N GLN E 115 2.15 34.78 -4.85
CA GLN E 115 1.03 34.08 -4.22
C GLN E 115 0.48 33.02 -5.15
N PRO E 116 0.39 31.75 -4.69
CA PRO E 116 -0.32 30.75 -5.52
C PRO E 116 -1.79 31.09 -5.71
N LYS E 117 -2.37 31.87 -4.80
CA LYS E 117 -3.73 32.37 -4.93
C LYS E 117 -3.70 33.82 -5.41
N ASN E 118 -4.40 34.09 -6.51
CA ASN E 118 -4.41 35.40 -7.13
C ASN E 118 -5.63 36.18 -6.66
N ALA E 119 -5.40 37.35 -6.08
CA ALA E 119 -6.50 38.16 -5.56
C ALA E 119 -7.28 38.78 -6.72
N LYS E 120 -8.62 38.74 -6.60
CA LYS E 120 -9.51 39.06 -7.69
C LYS E 120 -10.62 40.01 -7.23
N TYR E 121 -11.22 40.70 -8.20
CA TYR E 121 -12.35 41.60 -7.95
C TYR E 121 -13.32 41.52 -9.11
N TYR E 122 -14.59 41.77 -8.80
CA TYR E 122 -15.66 41.96 -9.78
C TYR E 122 -16.43 43.22 -9.42
N SER E 123 -16.36 44.22 -10.28
CA SER E 123 -16.93 45.53 -9.98
C SER E 123 -17.76 46.05 -11.15
N THR E 124 -18.86 46.71 -10.82
CA THR E 124 -19.64 47.49 -11.76
C THR E 124 -19.61 48.94 -11.28
N TYR E 125 -19.36 49.86 -12.21
CA TYR E 125 -19.19 51.27 -11.89
C TYR E 125 -19.41 52.10 -13.14
N LYS E 126 -19.73 53.37 -12.94
CA LYS E 126 -19.91 54.32 -14.01
C LYS E 126 -18.74 55.30 -13.98
N ILE E 127 -17.99 55.37 -15.07
CA ILE E 127 -16.80 56.20 -15.15
C ILE E 127 -16.93 57.16 -16.33
N ARG E 128 -16.68 58.45 -16.09
CA ARG E 128 -16.77 59.46 -17.12
C ARG E 128 -15.38 59.78 -17.67
N TYR E 129 -15.29 59.89 -18.99
CA TYR E 129 -14.05 60.16 -19.69
C TYR E 129 -14.11 61.50 -20.39
N ILE E 130 -12.96 62.14 -20.53
CA ILE E 130 -12.84 63.28 -21.44
C ILE E 130 -11.77 62.95 -22.46
N LEU E 131 -11.98 63.43 -23.68
CA LEU E 131 -11.17 63.07 -24.84
C LEU E 131 -10.79 64.32 -25.62
N LYS E 132 -9.74 64.20 -26.42
CA LYS E 132 -9.30 65.28 -27.31
C LYS E 132 -9.13 64.72 -28.72
N LYS E 133 -9.95 65.20 -29.65
CA LYS E 133 -9.82 64.77 -31.05
C LYS E 133 -8.51 65.31 -31.61
N GLN E 134 -7.66 64.41 -32.06
CA GLN E 134 -6.36 64.83 -32.56
C GLN E 134 -6.48 65.34 -33.99
N GLU E 135 -5.35 65.75 -34.56
CA GLU E 135 -5.35 66.23 -35.94
C GLU E 135 -5.91 65.19 -36.89
N ASP E 136 -5.45 63.95 -36.75
CA ASP E 136 -5.98 62.86 -37.56
C ASP E 136 -7.45 62.58 -37.26
N GLY E 137 -8.02 63.26 -36.28
CA GLY E 137 -9.42 63.07 -35.96
C GLY E 137 -9.70 61.83 -35.16
N LEU E 138 -8.69 61.28 -34.48
CA LEU E 138 -8.88 60.12 -33.62
C LEU E 138 -9.05 60.60 -32.18
N TRP E 139 -10.05 60.04 -31.49
CA TRP E 139 -10.29 60.38 -30.10
C TRP E 139 -9.38 59.57 -29.17
N LYS E 140 -8.67 60.27 -28.30
CA LYS E 140 -7.86 59.64 -27.27
C LYS E 140 -8.31 60.18 -25.91
N PHE E 141 -8.01 59.42 -24.86
CA PHE E 141 -8.49 59.71 -23.51
C PHE E 141 -7.45 60.50 -22.74
N CYS E 142 -7.76 61.77 -22.45
CA CYS E 142 -6.86 62.58 -21.64
C CYS E 142 -7.06 62.38 -20.14
N GLN E 143 -8.31 62.26 -19.69
CA GLN E 143 -8.57 62.21 -18.25
C GLN E 143 -9.87 61.46 -18.00
N SER E 144 -9.96 60.84 -16.82
CA SER E 144 -11.17 60.11 -16.42
C SER E 144 -11.26 60.06 -14.89
N ASP E 145 -12.48 59.98 -14.40
CA ASP E 145 -12.77 59.83 -12.97
C ASP E 145 -13.94 58.87 -12.79
N ILE E 146 -13.84 58.04 -11.76
CA ILE E 146 -14.83 57.00 -11.46
C ILE E 146 -15.63 57.45 -10.25
N GLN E 147 -16.91 57.77 -10.46
CA GLN E 147 -17.71 58.35 -9.38
C GLN E 147 -18.12 57.29 -8.35
N ILE E 148 -19.00 56.38 -8.74
CA ILE E 148 -19.47 55.33 -7.83
C ILE E 148 -19.62 54.01 -8.59
N LEU E 177 6.40 51.29 -6.80
CA LEU E 177 7.16 50.66 -5.72
C LEU E 177 6.27 50.36 -4.50
N ASP E 178 5.15 49.70 -4.75
CA ASP E 178 4.21 49.35 -3.69
C ASP E 178 3.38 48.17 -4.16
N HIS E 179 2.70 47.52 -3.21
CA HIS E 179 1.74 46.49 -3.56
C HIS E 179 0.61 47.08 -4.40
N LEU E 180 0.33 46.44 -5.52
CA LEU E 180 -0.70 46.89 -6.43
C LEU E 180 -2.04 46.33 -5.97
N ASP E 181 -2.97 47.21 -5.59
CA ASP E 181 -4.29 46.78 -5.19
C ASP E 181 -5.02 46.16 -6.39
N VAL E 182 -5.99 45.29 -6.12
CA VAL E 182 -6.76 44.68 -7.19
C VAL E 182 -7.64 45.68 -7.92
N MET E 183 -7.86 46.86 -7.34
CA MET E 183 -8.72 47.87 -7.94
C MET E 183 -7.95 48.90 -8.75
N MET E 184 -6.63 48.75 -8.89
CA MET E 184 -5.84 49.68 -9.69
C MET E 184 -6.43 49.87 -11.08
N ALA E 185 -6.74 48.76 -11.76
CA ALA E 185 -7.38 48.85 -13.07
C ALA E 185 -8.87 48.77 -12.85
N ARG E 186 -9.54 49.90 -13.01
CA ARG E 186 -10.98 50.04 -12.96
C ARG E 186 -11.36 50.91 -14.14
N GLY E 187 -12.10 50.33 -15.10
CA GLY E 187 -12.50 51.06 -16.28
C GLY E 187 -11.56 50.90 -17.46
N HIS F 15 38.71 -56.15 36.40
CA HIS F 15 38.01 -55.21 35.52
C HIS F 15 36.63 -55.77 35.15
N LYS F 16 35.97 -55.10 34.21
CA LYS F 16 34.56 -55.38 33.89
C LYS F 16 33.70 -55.37 35.15
N ARG F 17 34.04 -54.48 36.08
CA ARG F 17 33.23 -54.30 37.27
C ARG F 17 31.87 -53.71 36.88
N PRO F 18 30.77 -54.24 37.42
CA PRO F 18 29.45 -53.74 37.03
C PRO F 18 29.26 -52.27 37.41
N MET F 19 28.79 -51.49 36.44
CA MET F 19 28.37 -50.11 36.65
C MET F 19 26.89 -50.11 37.00
N ASP F 20 26.55 -49.59 38.18
CA ASP F 20 25.16 -49.63 38.64
C ASP F 20 24.26 -48.86 37.67
N THR F 21 23.14 -49.48 37.29
CA THR F 21 22.26 -48.89 36.27
C THR F 21 21.80 -47.50 36.68
N GLU F 22 21.07 -47.40 37.80
CA GLU F 22 20.64 -46.09 38.28
C GLU F 22 21.81 -45.14 38.45
N GLU F 23 22.97 -45.66 38.87
CA GLU F 23 24.18 -44.84 38.86
C GLU F 23 24.52 -44.37 37.46
N ALA F 24 24.39 -45.27 36.47
CA ALA F 24 24.74 -44.91 35.10
C ALA F 24 23.79 -43.84 34.55
N GLU F 25 22.48 -44.08 34.64
CA GLU F 25 21.53 -43.18 33.99
C GLU F 25 21.60 -41.77 34.57
N GLU F 26 21.74 -41.65 35.89
CA GLU F 26 21.93 -40.34 36.48
C GLU F 26 23.11 -39.61 35.87
N LEU F 27 24.07 -40.33 35.29
CA LEU F 27 25.14 -39.67 34.55
C LEU F 27 24.65 -39.20 33.19
N VAL F 28 23.94 -40.07 32.47
CA VAL F 28 23.46 -39.74 31.14
C VAL F 28 22.21 -38.88 31.21
N ARG F 29 21.32 -39.14 32.18
CA ARG F 29 20.23 -38.20 32.43
C ARG F 29 20.78 -36.80 32.59
N GLN F 30 22.01 -36.68 33.07
CA GLN F 30 22.68 -35.38 33.11
C GLN F 30 23.14 -34.96 31.72
N TRP F 31 24.02 -35.75 31.11
CA TRP F 31 24.58 -35.34 29.82
C TRP F 31 23.50 -34.91 28.85
N GLU F 32 22.39 -35.64 28.81
CA GLU F 32 21.29 -35.15 27.99
C GLU F 32 20.75 -33.83 28.53
N ASN F 33 20.50 -33.76 29.84
CA ASN F 33 20.08 -32.49 30.42
C ASN F 33 21.17 -31.43 30.30
N VAL F 34 22.43 -31.85 30.16
CA VAL F 34 23.52 -30.91 29.91
C VAL F 34 23.51 -30.46 28.46
N LYS F 35 23.34 -31.40 27.53
CA LYS F 35 23.25 -31.06 26.12
C LYS F 35 22.10 -30.10 25.87
N ALA F 36 20.95 -30.33 26.50
CA ALA F 36 19.78 -29.49 26.28
C ALA F 36 20.05 -28.05 26.69
N GLU F 37 20.60 -27.85 27.89
CA GLU F 37 21.03 -26.52 28.30
C GLU F 37 22.06 -25.96 27.34
N ALA F 38 22.95 -26.81 26.84
CA ALA F 38 24.10 -26.35 26.08
C ALA F 38 23.71 -25.89 24.68
N LEU F 39 22.95 -26.72 23.96
CA LEU F 39 22.60 -26.40 22.58
C LEU F 39 21.30 -25.63 22.47
N GLY F 40 20.57 -25.50 23.56
CA GLY F 40 19.31 -24.79 23.54
C GLY F 40 19.49 -23.30 23.44
N PRO F 41 18.41 -22.57 23.70
CA PRO F 41 18.44 -21.11 23.49
C PRO F 41 19.36 -20.36 24.44
N THR F 42 19.56 -20.87 25.65
CA THR F 42 20.46 -20.23 26.60
C THR F 42 21.91 -20.30 26.16
N HIS F 43 22.22 -21.19 25.21
CA HIS F 43 23.54 -21.27 24.56
C HIS F 43 24.67 -21.27 25.60
N GLN F 44 24.60 -22.20 26.55
CA GLN F 44 25.65 -22.33 27.54
C GLN F 44 26.64 -23.33 26.99
N VAL F 45 27.74 -22.82 26.43
CA VAL F 45 28.78 -23.69 25.89
C VAL F 45 29.71 -24.12 26.99
N TYR F 46 29.95 -23.23 27.97
CA TYR F 46 30.81 -23.55 29.09
C TYR F 46 30.33 -24.80 29.82
N SER F 47 29.02 -25.07 29.77
CA SER F 47 28.48 -26.20 30.51
C SER F 47 28.93 -27.54 29.92
N LEU F 48 29.29 -27.55 28.63
CA LEU F 48 29.76 -28.78 28.00
C LEU F 48 31.02 -29.30 28.65
N SER F 49 31.95 -28.41 29.02
CA SER F 49 33.20 -28.84 29.63
C SER F 49 32.99 -29.49 30.98
N GLU F 50 31.78 -29.41 31.54
CA GLU F 50 31.54 -30.00 32.85
C GLU F 50 31.47 -31.52 32.76
N VAL F 51 30.71 -32.05 31.80
CA VAL F 51 30.53 -33.49 31.66
C VAL F 51 31.36 -34.11 30.53
N LEU F 52 32.14 -33.32 29.79
CA LEU F 52 32.84 -33.86 28.64
C LEU F 52 34.34 -33.62 28.74
N ASP F 53 35.10 -34.45 28.02
CA ASP F 53 36.55 -34.30 27.95
C ASP F 53 37.08 -34.97 26.69
N GLU F 54 38.29 -34.55 26.29
CA GLU F 54 39.06 -35.15 25.20
C GLU F 54 38.26 -35.04 23.89
N SER F 55 38.01 -36.15 23.18
CA SER F 55 37.32 -36.08 21.90
C SER F 55 35.89 -35.60 22.07
N MET F 56 35.17 -36.14 23.06
CA MET F 56 33.76 -35.79 23.21
C MET F 56 33.56 -34.34 23.62
N LEU F 57 34.55 -33.71 24.23
CA LEU F 57 34.42 -32.28 24.48
C LEU F 57 34.71 -31.47 23.21
N VAL F 58 35.82 -31.78 22.52
CA VAL F 58 36.22 -31.00 21.37
C VAL F 58 35.12 -30.98 20.32
N GLN F 59 34.53 -32.15 20.03
CA GLN F 59 33.41 -32.22 19.10
C GLN F 59 32.27 -31.30 19.55
N TRP F 60 31.71 -31.59 20.73
CA TRP F 60 30.50 -30.91 21.16
C TRP F 60 30.74 -29.44 21.47
N GLN F 61 31.85 -29.11 22.14
CA GLN F 61 32.16 -27.70 22.37
C GLN F 61 32.34 -26.96 21.06
N THR F 62 32.86 -27.63 20.02
CA THR F 62 32.85 -27.04 18.69
C THR F 62 31.42 -26.83 18.20
N LEU F 63 30.56 -27.84 18.38
CA LEU F 63 29.17 -27.75 17.93
C LEU F 63 28.45 -26.56 18.57
N ALA F 64 28.29 -26.60 19.90
CA ALA F 64 27.51 -25.58 20.59
C ALA F 64 28.02 -24.17 20.32
N GLN F 65 29.33 -24.01 20.16
CA GLN F 65 29.87 -22.72 19.74
C GLN F 65 29.35 -22.32 18.36
N THR F 66 29.34 -23.27 17.42
CA THR F 66 28.82 -23.01 16.09
C THR F 66 27.39 -22.49 16.14
N ALA F 67 26.54 -23.15 16.93
CA ALA F 67 25.15 -22.74 17.00
C ALA F 67 24.97 -21.37 17.63
N GLU F 68 25.94 -20.89 18.41
CA GLU F 68 25.77 -19.57 19.02
C GLU F 68 26.11 -18.44 18.04
N ALA F 69 27.12 -18.64 17.19
CA ALA F 69 27.49 -17.61 16.23
C ALA F 69 26.55 -17.60 15.03
N LYS F 70 26.14 -18.77 14.55
CA LYS F 70 25.11 -18.84 13.53
C LYS F 70 23.72 -18.64 14.09
N SER F 71 23.61 -18.54 15.43
CA SER F 71 22.38 -18.13 16.10
C SER F 71 21.25 -19.14 15.90
N CYS F 72 21.60 -20.42 15.91
CA CYS F 72 20.65 -21.51 15.87
C CYS F 72 20.68 -22.24 17.21
N TYR F 73 19.54 -22.78 17.62
CA TYR F 73 19.51 -23.57 18.83
C TYR F 73 18.62 -24.78 18.64
N TRP F 74 18.68 -25.69 19.60
CA TRP F 74 17.90 -26.92 19.57
C TRP F 74 16.86 -26.91 20.67
N ARG F 75 15.73 -27.57 20.40
CA ARG F 75 14.68 -27.83 21.36
C ARG F 75 14.57 -29.35 21.48
N PHE F 76 14.88 -29.90 22.64
CA PHE F 76 14.82 -31.33 22.84
C PHE F 76 13.66 -31.68 23.77
N VAL F 77 13.14 -32.89 23.56
CA VAL F 77 12.22 -33.52 24.49
C VAL F 77 12.67 -34.97 24.64
N LEU F 78 13.00 -35.37 25.88
CA LEU F 78 13.51 -36.70 26.12
C LEU F 78 12.31 -37.59 26.41
N LEU F 79 11.99 -38.49 25.48
CA LEU F 79 10.80 -39.31 25.67
C LEU F 79 11.00 -40.27 26.85
N HIS F 80 12.04 -41.08 26.79
CA HIS F 80 12.50 -41.80 27.97
C HIS F 80 13.95 -42.21 27.74
N LEU F 81 14.54 -42.77 28.79
CA LEU F 81 15.93 -43.18 28.77
C LEU F 81 16.04 -44.62 29.23
N GLU F 82 16.84 -45.40 28.51
CA GLU F 82 17.17 -46.76 28.90
C GLU F 82 18.69 -46.88 29.00
N VAL F 83 19.14 -47.67 29.97
CA VAL F 83 20.55 -48.01 30.12
C VAL F 83 20.69 -49.52 29.92
N LEU F 84 21.68 -49.91 29.14
CA LEU F 84 21.93 -51.31 28.85
C LEU F 84 23.44 -51.54 28.81
N GLN F 85 23.85 -52.72 29.27
CA GLN F 85 25.25 -53.14 29.23
C GLN F 85 26.18 -52.09 29.82
N ALA F 86 25.89 -51.71 31.06
CA ALA F 86 26.77 -50.82 31.81
C ALA F 86 27.90 -51.64 32.40
N HIS F 87 29.13 -51.33 31.99
CA HIS F 87 30.31 -52.05 32.46
C HIS F 87 31.43 -51.03 32.67
N ILE F 88 32.44 -51.43 33.44
CA ILE F 88 33.56 -50.56 33.78
C ILE F 88 34.85 -51.25 33.37
N PHE F 89 35.55 -50.69 32.37
CA PHE F 89 36.78 -51.24 31.82
C PHE F 89 37.96 -50.35 32.21
N GLU F 90 39.04 -50.95 32.72
CA GLU F 90 40.19 -50.21 33.21
C GLU F 90 41.37 -50.37 32.24
N ASP F 91 41.96 -49.24 31.85
CA ASP F 91 43.08 -49.20 30.91
C ASP F 91 44.19 -48.32 31.47
N GLY F 92 45.42 -48.81 31.41
CA GLY F 92 46.56 -48.09 31.98
C GLY F 92 46.80 -48.46 33.43
N ILE F 93 48.05 -48.30 33.88
CA ILE F 93 48.40 -48.63 35.25
C ILE F 93 47.71 -47.69 36.22
N ALA F 94 47.79 -46.38 35.96
CA ALA F 94 47.07 -45.36 36.72
C ALA F 94 45.75 -44.97 36.09
N GLY F 95 45.35 -45.62 34.97
CA GLY F 95 44.18 -45.19 34.24
C GLY F 95 42.91 -45.94 34.64
N GLU F 96 41.78 -45.35 34.25
CA GLU F 96 40.46 -45.83 34.61
C GLU F 96 39.50 -45.44 33.49
N ALA F 97 38.49 -46.26 33.25
CA ALA F 97 37.50 -45.92 32.23
C ALA F 97 36.17 -46.62 32.52
N ALA F 98 35.11 -46.14 31.90
CA ALA F 98 33.79 -46.72 32.06
C ALA F 98 33.10 -46.76 30.70
N GLU F 99 32.15 -47.67 30.56
CA GLU F 99 31.46 -47.90 29.31
C GLU F 99 29.97 -48.03 29.58
N ILE F 100 29.19 -47.12 29.00
CA ILE F 100 27.73 -47.13 29.12
C ILE F 100 27.14 -47.15 27.71
N GLU F 101 26.33 -48.17 27.44
CA GLU F 101 25.48 -48.20 26.27
C GLU F 101 24.09 -47.72 26.68
N ALA F 102 23.58 -46.71 25.98
CA ALA F 102 22.31 -46.13 26.38
C ALA F 102 21.42 -45.93 25.17
N LEU F 103 20.16 -46.35 25.29
CA LEU F 103 19.16 -46.06 24.28
C LEU F 103 18.52 -44.73 24.63
N LEU F 104 18.44 -43.84 23.65
CA LEU F 104 17.93 -42.50 23.83
C LEU F 104 16.81 -42.27 22.83
N GLU F 105 15.61 -42.00 23.35
CA GLU F 105 14.45 -41.71 22.52
C GLU F 105 14.15 -40.22 22.69
N GLU F 106 14.44 -39.45 21.65
CA GLU F 106 14.35 -37.99 21.76
C GLU F 106 13.86 -37.38 20.47
N ALA F 107 13.15 -36.27 20.63
CA ALA F 107 12.64 -35.48 19.52
C ALA F 107 13.27 -34.09 19.62
N ALA F 108 14.05 -33.73 18.61
CA ALA F 108 14.71 -32.43 18.58
C ALA F 108 14.12 -31.56 17.49
N GLU F 109 14.20 -30.25 17.70
CA GLU F 109 13.81 -29.24 16.73
C GLU F 109 14.92 -28.21 16.64
N LEU F 110 15.52 -28.06 15.48
CA LEU F 110 16.58 -27.08 15.31
C LEU F 110 15.92 -25.76 14.91
N VAL F 111 15.90 -24.80 15.83
CA VAL F 111 15.23 -23.54 15.55
C VAL F 111 16.24 -22.68 14.81
N ASP F 112 15.95 -22.40 13.54
CA ASP F 112 16.90 -21.74 12.68
C ASP F 112 16.16 -20.71 11.85
N GLU F 113 16.51 -19.43 12.03
CA GLU F 113 15.94 -18.38 11.20
C GLU F 113 16.31 -18.57 9.74
N SER F 114 17.46 -19.19 9.46
CA SER F 114 17.99 -19.22 8.11
C SER F 114 17.17 -20.09 7.17
N GLN F 115 16.48 -21.10 7.69
CA GLN F 115 15.63 -21.95 6.86
C GLN F 115 14.17 -21.49 6.90
N PRO F 116 13.39 -21.83 5.88
CA PRO F 116 11.97 -21.43 5.86
C PRO F 116 11.12 -22.11 6.92
N LYS F 117 11.40 -23.37 7.28
CA LYS F 117 10.75 -24.02 8.41
C LYS F 117 11.84 -24.70 9.24
N ASN F 118 11.80 -24.51 10.56
CA ASN F 118 12.79 -25.14 11.42
C ASN F 118 12.72 -26.64 11.24
N ALA F 119 13.86 -27.23 10.89
CA ALA F 119 13.89 -28.66 10.65
C ALA F 119 14.02 -29.42 11.96
N LYS F 120 13.26 -30.51 12.07
CA LYS F 120 13.09 -31.23 13.31
C LYS F 120 13.33 -32.72 13.05
N TYR F 121 13.70 -33.46 14.09
CA TYR F 121 13.98 -34.88 13.94
C TYR F 121 13.41 -35.68 15.10
N TYR F 122 13.28 -36.97 14.87
CA TYR F 122 12.87 -37.94 15.88
C TYR F 122 13.75 -39.16 15.72
N SER F 123 14.45 -39.55 16.78
CA SER F 123 15.33 -40.70 16.70
C SER F 123 15.27 -41.49 17.99
N THR F 124 15.08 -42.80 17.85
CA THR F 124 15.33 -43.76 18.91
C THR F 124 16.61 -44.49 18.51
N TYR F 125 17.69 -44.21 19.21
CA TYR F 125 19.00 -44.64 18.76
C TYR F 125 19.84 -45.15 19.92
N LYS F 126 20.71 -46.10 19.62
CA LYS F 126 21.63 -46.69 20.58
C LYS F 126 22.96 -45.98 20.50
N ILE F 127 23.52 -45.60 21.64
CA ILE F 127 24.80 -44.90 21.69
C ILE F 127 25.61 -45.45 22.86
N ARG F 128 26.89 -45.73 22.61
CA ARG F 128 27.82 -46.15 23.64
C ARG F 128 28.61 -44.95 24.11
N TYR F 129 28.74 -44.80 25.42
CA TYR F 129 29.52 -43.72 26.03
C TYR F 129 30.75 -44.30 26.71
N ILE F 130 31.88 -43.62 26.55
CA ILE F 130 33.12 -43.95 27.24
C ILE F 130 33.40 -42.86 28.26
N LEU F 131 33.83 -43.25 29.46
CA LEU F 131 34.00 -42.29 30.54
C LEU F 131 35.38 -42.43 31.14
N LYS F 132 35.68 -41.52 32.07
CA LYS F 132 36.91 -41.55 32.87
C LYS F 132 36.56 -40.99 34.24
N LYS F 133 37.29 -41.44 35.26
CA LYS F 133 37.07 -40.98 36.63
C LYS F 133 38.04 -39.86 36.95
N GLN F 134 37.52 -38.72 37.38
CA GLN F 134 38.34 -37.59 37.75
C GLN F 134 39.14 -37.91 39.01
N GLU F 135 40.18 -37.12 39.27
CA GLU F 135 40.83 -37.16 40.57
C GLU F 135 39.82 -37.03 41.70
N ASP F 136 38.85 -36.14 41.54
CA ASP F 136 37.70 -36.06 42.44
C ASP F 136 36.70 -37.14 42.05
N GLY F 137 35.55 -37.18 42.74
CA GLY F 137 34.58 -38.23 42.48
C GLY F 137 33.85 -38.15 41.15
N LEU F 138 34.07 -37.10 40.37
CA LEU F 138 33.30 -36.86 39.17
C LEU F 138 33.73 -37.75 38.01
N TRP F 139 32.77 -38.05 37.13
CA TRP F 139 32.98 -38.76 35.89
C TRP F 139 32.88 -37.82 34.69
N LYS F 140 33.71 -38.04 33.68
CA LYS F 140 33.73 -37.23 32.48
C LYS F 140 33.51 -38.13 31.28
N PHE F 141 32.50 -37.79 30.46
CA PHE F 141 32.27 -38.55 29.24
C PHE F 141 33.34 -38.22 28.21
N CYS F 142 33.67 -39.23 27.40
CA CYS F 142 34.63 -39.10 26.32
C CYS F 142 34.25 -40.09 25.21
N GLN F 143 34.63 -39.75 23.98
CA GLN F 143 34.62 -40.69 22.85
C GLN F 143 33.30 -41.46 22.75
N SER F 144 32.18 -40.72 22.67
CA SER F 144 30.89 -41.37 22.49
C SER F 144 30.70 -41.77 21.02
N ASP F 145 30.00 -42.88 20.82
CA ASP F 145 29.79 -43.45 19.50
C ASP F 145 28.33 -43.86 19.34
N ILE F 146 27.71 -43.44 18.23
CA ILE F 146 26.36 -43.83 17.89
C ILE F 146 26.41 -45.04 16.98
N GLN F 147 25.46 -45.96 17.15
CA GLN F 147 25.47 -47.20 16.39
C GLN F 147 24.18 -47.37 15.59
N HIS F 179 25.00 -25.55 6.36
CA HIS F 179 25.79 -25.02 7.47
C HIS F 179 25.65 -25.90 8.72
N LEU F 180 24.40 -26.06 9.17
CA LEU F 180 24.07 -26.88 10.33
C LEU F 180 23.05 -27.94 9.95
N ASP F 181 23.06 -29.03 10.70
CA ASP F 181 22.16 -30.16 10.50
C ASP F 181 21.46 -30.45 11.82
N VAL F 182 20.15 -30.64 11.77
CA VAL F 182 19.41 -30.99 12.98
C VAL F 182 19.93 -32.29 13.55
N MET F 183 20.35 -33.20 12.67
CA MET F 183 20.85 -34.50 13.08
C MET F 183 22.17 -34.40 13.83
N MET F 184 22.79 -33.22 13.87
CA MET F 184 24.10 -33.06 14.49
C MET F 184 24.06 -33.22 16.01
N ALA F 185 22.90 -33.00 16.64
CA ALA F 185 22.80 -33.04 18.09
C ALA F 185 22.15 -34.35 18.52
N ARG F 186 22.94 -35.27 19.05
CA ARG F 186 22.42 -36.56 19.49
C ARG F 186 23.22 -37.09 20.69
N GLY F 187 22.49 -37.53 21.72
CA GLY F 187 23.13 -38.05 22.92
C GLY F 187 22.82 -37.25 24.18
N ARG G 17 10.71 4.03 51.35
CA ARG G 17 9.62 3.75 50.42
C ARG G 17 9.80 4.15 48.95
N PRO G 18 10.76 5.01 48.60
CA PRO G 18 11.04 5.24 47.18
C PRO G 18 11.38 3.95 46.46
N MET G 19 10.79 3.77 45.28
CA MET G 19 11.06 2.60 44.45
C MET G 19 12.50 2.60 43.97
N ASP G 20 13.02 1.40 43.74
CA ASP G 20 14.19 1.28 42.88
C ASP G 20 13.84 1.92 41.54
N THR G 21 14.67 2.88 41.12
CA THR G 21 14.36 3.58 39.88
C THR G 21 14.30 2.60 38.71
N GLU G 22 15.12 1.54 38.75
CA GLU G 22 14.97 0.47 37.77
C GLU G 22 13.64 -0.24 37.93
N GLU G 23 13.26 -0.57 39.17
CA GLU G 23 11.96 -1.20 39.42
C GLU G 23 10.84 -0.35 38.87
N ALA G 24 10.98 0.98 38.91
CA ALA G 24 9.94 1.87 38.38
C ALA G 24 10.04 2.03 36.88
N GLU G 25 11.26 2.22 36.35
CA GLU G 25 11.41 2.48 34.93
C GLU G 25 10.89 1.33 34.09
N GLU G 26 11.26 0.10 34.45
CA GLU G 26 10.77 -1.06 33.71
C GLU G 26 9.25 -1.16 33.75
N LEU G 27 8.63 -0.66 34.82
CA LEU G 27 7.17 -0.69 34.90
C LEU G 27 6.54 0.23 33.86
N VAL G 28 7.06 1.46 33.75
CA VAL G 28 6.54 2.40 32.78
C VAL G 28 7.00 2.05 31.38
N ARG G 29 8.31 1.80 31.21
CA ARG G 29 8.83 1.42 29.91
C ARG G 29 8.03 0.27 29.32
N GLN G 30 7.57 -0.65 30.16
CA GLN G 30 6.65 -1.67 29.68
C GLN G 30 5.32 -1.07 29.27
N TRP G 31 4.73 -0.26 30.16
CA TRP G 31 3.42 0.31 29.86
C TRP G 31 3.44 1.08 28.55
N GLU G 32 4.43 1.97 28.40
CA GLU G 32 4.56 2.73 27.16
C GLU G 32 4.63 1.81 25.96
N ASN G 33 5.38 0.72 26.10
CA ASN G 33 5.43 -0.24 25.01
C ASN G 33 4.10 -0.96 24.85
N VAL G 34 3.48 -1.34 25.96
CA VAL G 34 2.14 -1.93 25.90
C VAL G 34 1.16 -0.96 25.26
N LYS G 35 1.25 0.32 25.62
CA LYS G 35 0.35 1.32 25.06
C LYS G 35 0.56 1.48 23.57
N ALA G 36 1.80 1.32 23.09
CA ALA G 36 2.07 1.50 21.66
C ALA G 36 1.48 0.36 20.84
N GLU G 37 1.62 -0.89 21.32
CA GLU G 37 1.09 -2.04 20.59
C GLU G 37 -0.43 -2.06 20.58
N ALA G 38 -1.06 -1.55 21.65
CA ALA G 38 -2.51 -1.58 21.72
C ALA G 38 -3.14 -0.61 20.72
N LEU G 39 -2.56 0.58 20.59
CA LEU G 39 -3.09 1.61 19.72
C LEU G 39 -2.46 1.58 18.33
N GLY G 40 -1.51 0.67 18.10
CA GLY G 40 -0.88 0.55 16.81
C GLY G 40 -1.76 -0.19 15.83
N PRO G 41 -1.19 -0.52 14.67
CA PRO G 41 -1.98 -1.28 13.68
C PRO G 41 -2.24 -2.70 14.10
N THR G 42 -1.35 -3.28 14.92
CA THR G 42 -1.57 -4.63 15.44
C THR G 42 -2.83 -4.70 16.30
N HIS G 43 -3.22 -3.58 16.91
CA HIS G 43 -4.52 -3.44 17.58
C HIS G 43 -4.74 -4.56 18.59
N GLN G 44 -3.80 -4.67 19.53
CA GLN G 44 -3.89 -5.66 20.58
C GLN G 44 -4.56 -5.04 21.79
N VAL G 45 -5.83 -5.40 22.01
CA VAL G 45 -6.56 -4.89 23.17
C VAL G 45 -6.20 -5.70 24.40
N TYR G 46 -5.80 -6.96 24.22
CA TYR G 46 -5.47 -7.81 25.34
C TYR G 46 -4.27 -7.27 26.12
N SER G 47 -3.38 -6.54 25.44
CA SER G 47 -2.15 -6.10 26.10
C SER G 47 -2.45 -5.11 27.21
N LEU G 48 -3.53 -4.34 27.09
CA LEU G 48 -3.94 -3.45 28.17
C LEU G 48 -4.24 -4.22 29.44
N SER G 49 -4.77 -5.45 29.31
CA SER G 49 -5.09 -6.23 30.51
C SER G 49 -3.85 -6.64 31.28
N GLU G 50 -2.70 -6.77 30.60
CA GLU G 50 -1.49 -7.17 31.29
C GLU G 50 -1.05 -6.12 32.30
N VAL G 51 -0.77 -4.91 31.82
CA VAL G 51 -0.10 -3.91 32.64
C VAL G 51 -1.04 -2.86 33.22
N LEU G 52 -2.35 -2.99 33.01
CA LEU G 52 -3.27 -1.99 33.53
C LEU G 52 -4.30 -2.64 34.45
N ASP G 53 -4.93 -1.79 35.26
CA ASP G 53 -6.09 -2.20 36.04
C ASP G 53 -6.94 -0.97 36.35
N GLU G 54 -8.25 -1.20 36.53
CA GLU G 54 -9.22 -0.16 36.91
C GLU G 54 -9.25 0.92 35.84
N SER G 55 -9.05 2.20 36.17
CA SER G 55 -9.33 3.26 35.20
C SER G 55 -8.39 3.21 34.01
N MET G 56 -7.10 2.98 34.23
CA MET G 56 -6.18 2.79 33.13
C MET G 56 -6.68 1.69 32.19
N LEU G 57 -7.32 0.67 32.74
CA LEU G 57 -7.86 -0.41 31.91
C LEU G 57 -9.06 0.09 31.11
N VAL G 58 -10.13 0.47 31.81
CA VAL G 58 -11.41 0.80 31.16
C VAL G 58 -11.22 1.89 30.11
N GLN G 59 -10.53 2.97 30.48
CA GLN G 59 -10.34 4.07 29.55
C GLN G 59 -9.56 3.61 28.33
N TRP G 60 -8.47 2.89 28.54
CA TRP G 60 -7.62 2.54 27.42
C TRP G 60 -8.13 1.36 26.62
N GLN G 61 -8.92 0.48 27.22
CA GLN G 61 -9.51 -0.60 26.42
C GLN G 61 -10.56 -0.03 25.48
N THR G 62 -11.42 0.85 25.99
CA THR G 62 -12.41 1.49 25.12
C THR G 62 -11.72 2.24 23.98
N LEU G 63 -10.65 2.97 24.30
CA LEU G 63 -9.91 3.71 23.28
C LEU G 63 -9.34 2.78 22.22
N ALA G 64 -8.57 1.76 22.65
CA ALA G 64 -8.03 0.80 21.69
C ALA G 64 -9.14 0.07 20.96
N GLN G 65 -10.23 -0.22 21.65
CA GLN G 65 -11.39 -0.79 20.97
C GLN G 65 -12.02 0.22 20.01
N THR G 66 -12.01 1.50 20.39
CA THR G 66 -12.46 2.54 19.46
C THR G 66 -11.66 2.52 18.17
N ALA G 67 -10.35 2.78 18.28
CA ALA G 67 -9.52 2.85 17.08
C ALA G 67 -9.57 1.55 16.28
N GLU G 68 -9.70 0.42 16.97
CA GLU G 68 -9.78 -0.85 16.28
C GLU G 68 -11.03 -0.91 15.40
N ALA G 69 -12.17 -0.47 15.93
CA ALA G 69 -13.43 -0.50 15.18
C ALA G 69 -13.50 0.59 14.13
N LYS G 70 -12.83 1.73 14.37
CA LYS G 70 -12.72 2.80 13.40
C LYS G 70 -11.56 2.61 12.42
N SER G 71 -10.83 1.50 12.53
CA SER G 71 -9.72 1.16 11.65
C SER G 71 -8.60 2.20 11.67
N CYS G 72 -8.54 2.97 12.74
CA CYS G 72 -7.45 3.92 12.98
C CYS G 72 -6.36 3.26 13.81
N TYR G 73 -5.12 3.60 13.52
CA TYR G 73 -4.05 3.18 14.40
C TYR G 73 -3.12 4.34 14.70
N TRP G 74 -2.68 4.41 15.95
CA TRP G 74 -1.69 5.38 16.34
C TRP G 74 -0.30 4.93 15.90
N ARG G 75 0.60 5.89 15.77
CA ARG G 75 2.02 5.64 15.69
C ARG G 75 2.67 6.36 16.86
N PHE G 76 3.75 5.80 17.40
CA PHE G 76 4.42 6.42 18.54
C PHE G 76 5.93 6.40 18.37
N VAL G 77 6.56 7.49 18.80
CA VAL G 77 8.00 7.55 19.05
C VAL G 77 8.18 8.21 20.40
N LEU G 78 8.70 7.46 21.38
CA LEU G 78 8.97 7.99 22.70
C LEU G 78 10.40 8.48 22.72
N LEU G 79 10.58 9.80 22.81
CA LEU G 79 11.92 10.35 22.70
C LEU G 79 12.73 10.09 23.96
N HIS G 80 12.23 10.54 25.10
CA HIS G 80 13.00 10.43 26.33
C HIS G 80 12.05 10.05 27.45
N LEU G 81 12.37 8.97 28.15
CA LEU G 81 11.59 8.56 29.30
C LEU G 81 12.39 8.85 30.56
N GLU G 82 11.76 9.58 31.47
CA GLU G 82 12.37 10.03 32.71
C GLU G 82 11.41 9.74 33.85
N VAL G 83 11.96 9.53 35.04
CA VAL G 83 11.18 9.29 36.23
C VAL G 83 11.42 10.44 37.20
N LEU G 84 10.35 11.09 37.62
CA LEU G 84 10.39 12.01 38.75
C LEU G 84 10.34 11.16 40.03
N GLN G 85 10.12 11.76 41.18
CA GLN G 85 10.09 10.97 42.40
C GLN G 85 9.00 9.91 42.33
N ALA G 86 9.42 8.65 42.52
CA ALA G 86 8.54 7.49 42.43
C ALA G 86 8.48 6.83 43.80
N HIS G 87 7.31 6.89 44.44
CA HIS G 87 7.15 6.51 45.84
C HIS G 87 6.15 5.37 46.00
N ILE G 88 6.29 4.61 47.09
CA ILE G 88 5.47 3.43 47.36
C ILE G 88 4.91 3.54 48.76
N PHE G 89 3.60 3.37 48.89
CA PHE G 89 2.97 3.16 50.18
C PHE G 89 1.86 2.12 50.03
N GLU G 90 1.65 1.36 51.09
CA GLU G 90 0.73 0.24 51.02
C GLU G 90 -0.69 0.69 50.74
N ASP G 91 -1.36 -0.01 49.82
CA ASP G 91 -2.80 0.12 49.62
C ASP G 91 -3.52 -0.41 50.86
N GLY G 92 -4.80 -0.05 50.98
CA GLY G 92 -5.55 -0.39 52.17
C GLY G 92 -5.42 -1.85 52.58
N ILE G 93 -5.03 -2.08 53.83
CA ILE G 93 -4.77 -3.40 54.40
C ILE G 93 -3.70 -4.12 53.59
N ALA G 94 -4.06 -5.23 52.95
CA ALA G 94 -3.09 -6.18 52.44
C ALA G 94 -2.47 -5.73 51.12
N GLY G 95 -3.27 -5.17 50.23
CA GLY G 95 -2.74 -4.71 48.96
C GLY G 95 -1.73 -3.59 49.13
N GLU G 96 -0.81 -3.50 48.18
CA GLU G 96 0.24 -2.48 48.19
C GLU G 96 0.16 -1.67 46.90
N ALA G 97 0.42 -0.37 47.00
CA ALA G 97 0.29 0.56 45.90
C ALA G 97 1.58 1.35 45.74
N ALA G 98 1.72 2.04 44.61
CA ALA G 98 2.91 2.85 44.35
C ALA G 98 2.57 4.05 43.48
N GLU G 99 3.24 5.17 43.75
CA GLU G 99 3.16 6.36 42.91
C GLU G 99 4.46 6.48 42.12
N ILE G 100 4.35 6.45 40.80
CA ILE G 100 5.47 6.71 39.90
C ILE G 100 5.12 7.93 39.08
N GLU G 101 5.92 8.98 39.20
CA GLU G 101 5.73 10.21 38.44
C GLU G 101 6.81 10.27 37.38
N ALA G 102 6.41 10.42 36.12
CA ALA G 102 7.34 10.27 35.01
C ALA G 102 7.14 11.39 34.00
N LEU G 103 8.25 11.90 33.49
CA LEU G 103 8.23 12.91 32.44
C LEU G 103 8.32 12.19 31.11
N LEU G 104 7.28 12.33 30.28
CA LEU G 104 7.22 11.66 28.98
C LEU G 104 7.38 12.69 27.87
N GLU G 105 8.43 12.53 27.08
CA GLU G 105 8.66 13.33 25.90
C GLU G 105 8.53 12.40 24.70
N GLU G 106 7.42 12.51 23.97
CA GLU G 106 7.14 11.55 22.91
C GLU G 106 6.49 12.26 21.74
N ALA G 107 6.64 11.65 20.57
CA ALA G 107 5.94 12.07 19.36
C ALA G 107 5.01 10.95 18.94
N ALA G 108 3.89 11.34 18.34
CA ALA G 108 2.91 10.35 17.91
C ALA G 108 2.16 10.86 16.70
N GLU G 109 1.61 9.92 15.93
CA GLU G 109 0.82 10.24 14.75
C GLU G 109 -0.38 9.30 14.70
N LEU G 110 -1.58 9.86 14.64
CA LEU G 110 -2.80 9.09 14.42
C LEU G 110 -3.07 9.06 12.92
N VAL G 111 -2.97 7.88 12.32
CA VAL G 111 -3.16 7.75 10.88
C VAL G 111 -4.61 7.39 10.60
N ASP G 112 -5.24 8.20 9.76
CA ASP G 112 -6.54 7.91 9.20
C ASP G 112 -6.42 8.09 7.70
N GLU G 113 -6.66 7.03 6.92
CA GLU G 113 -6.80 7.25 5.49
C GLU G 113 -8.07 8.06 5.23
N SER G 114 -9.11 7.81 6.02
CA SER G 114 -10.18 8.79 6.14
C SER G 114 -9.59 10.07 6.74
N GLN G 115 -10.31 11.17 6.54
CA GLN G 115 -9.83 12.51 6.87
C GLN G 115 -8.68 12.89 5.93
N PRO G 116 -8.50 14.17 5.67
CA PRO G 116 -7.43 14.57 4.74
C PRO G 116 -6.04 14.14 5.17
N LYS G 117 -5.71 14.27 6.46
CA LYS G 117 -4.34 14.14 6.93
C LYS G 117 -4.30 13.36 8.24
N ASN G 118 -3.16 12.72 8.48
CA ASN G 118 -2.89 12.14 9.79
C ASN G 118 -2.52 13.25 10.76
N ALA G 119 -2.97 13.13 12.00
CA ALA G 119 -2.74 14.19 12.98
C ALA G 119 -1.56 13.77 13.85
N LYS G 120 -0.42 14.40 13.62
CA LYS G 120 0.80 14.20 14.38
C LYS G 120 0.78 15.01 15.67
N TYR G 121 1.64 14.62 16.62
CA TYR G 121 1.91 15.49 17.75
C TYR G 121 3.27 15.17 18.38
N TYR G 122 3.80 16.14 19.13
CA TYR G 122 4.98 15.99 19.97
C TYR G 122 4.71 16.68 21.29
N SER G 123 4.72 15.92 22.38
CA SER G 123 4.26 16.43 23.66
C SER G 123 5.21 15.98 24.76
N THR G 124 5.74 16.95 25.50
CA THR G 124 6.56 16.70 26.68
C THR G 124 5.69 17.02 27.90
N TYR G 125 5.42 16.01 28.72
CA TYR G 125 4.42 16.16 29.76
C TYR G 125 4.71 15.26 30.96
N LYS G 126 4.28 15.73 32.13
CA LYS G 126 4.30 14.96 33.36
C LYS G 126 2.97 14.24 33.54
N ILE G 127 3.02 12.99 33.95
CA ILE G 127 1.82 12.21 34.25
C ILE G 127 2.09 11.34 35.48
N ARG G 128 1.21 11.44 36.47
CA ARG G 128 1.30 10.64 37.67
C ARG G 128 0.65 9.28 37.44
N TYR G 129 1.41 8.22 37.66
CA TYR G 129 0.90 6.85 37.56
C TYR G 129 0.68 6.31 38.96
N ILE G 130 -0.56 5.94 39.26
CA ILE G 130 -0.89 5.26 40.51
C ILE G 130 -1.06 3.79 40.21
N LEU G 131 -0.22 2.97 40.84
CA LEU G 131 -0.18 1.53 40.60
C LEU G 131 -0.45 0.79 41.89
N LYS G 132 -0.83 -0.47 41.76
CA LYS G 132 -0.88 -1.36 42.91
C LYS G 132 -0.14 -2.64 42.57
N LYS G 133 0.64 -3.15 43.52
CA LYS G 133 1.24 -4.46 43.31
C LYS G 133 0.15 -5.50 43.38
N GLN G 134 -0.02 -6.25 42.29
CA GLN G 134 -0.94 -7.36 42.32
C GLN G 134 -0.44 -8.37 43.34
N GLU G 135 -1.35 -9.19 43.85
CA GLU G 135 -1.00 -10.08 44.95
C GLU G 135 0.25 -10.91 44.61
N ASP G 136 0.36 -11.38 43.38
CA ASP G 136 1.46 -12.25 42.97
C ASP G 136 2.38 -11.53 41.99
N GLY G 137 3.53 -11.07 42.48
CA GLY G 137 4.64 -10.64 41.66
C GLY G 137 4.35 -9.73 40.48
N LEU G 138 3.31 -8.89 40.55
CA LEU G 138 2.85 -8.15 39.38
C LEU G 138 2.38 -6.75 39.79
N TRP G 139 2.56 -5.80 38.87
CA TRP G 139 2.15 -4.41 39.05
C TRP G 139 1.16 -4.00 37.97
N LYS G 140 0.15 -3.23 38.36
CA LYS G 140 -0.87 -2.75 37.44
C LYS G 140 -1.02 -1.24 37.62
N PHE G 141 -1.06 -0.50 36.51
CA PHE G 141 -1.31 0.93 36.54
C PHE G 141 -2.81 1.17 36.71
N CYS G 142 -3.21 1.81 37.82
CA CYS G 142 -4.62 1.99 38.13
C CYS G 142 -5.18 3.39 37.94
N GLN G 143 -4.36 4.41 37.65
CA GLN G 143 -4.93 5.75 37.49
C GLN G 143 -3.93 6.60 36.72
N SER G 144 -4.44 7.65 36.08
CA SER G 144 -3.62 8.63 35.39
C SER G 144 -4.17 10.02 35.62
N ASP G 145 -3.32 10.92 36.13
CA ASP G 145 -3.66 12.32 36.33
C ASP G 145 -2.57 13.17 35.69
N ILE G 146 -2.93 13.91 34.65
CA ILE G 146 -1.97 14.72 33.89
C ILE G 146 -2.27 16.18 34.18
N GLN G 147 -1.26 16.89 34.70
CA GLN G 147 -1.45 18.30 35.03
C GLN G 147 -0.36 19.17 34.43
N LEU G 180 -15.03 11.83 19.02
CA LEU G 180 -14.30 11.13 17.95
C LEU G 180 -12.89 10.77 18.39
N ASP G 181 -11.90 11.06 17.54
CA ASP G 181 -10.52 10.72 17.82
C ASP G 181 -9.65 11.98 17.81
N VAL G 182 -8.99 12.22 18.92
CA VAL G 182 -8.06 13.33 19.15
C VAL G 182 -6.74 12.65 19.50
N MET G 183 -5.65 13.40 19.57
CA MET G 183 -4.51 12.70 20.11
C MET G 183 -4.68 12.76 21.62
N MET G 184 -5.34 11.72 22.11
CA MET G 184 -5.58 11.41 23.50
C MET G 184 -4.69 10.30 24.00
N ALA G 185 -3.80 9.79 23.15
CA ALA G 185 -2.88 8.76 23.59
C ALA G 185 -1.67 9.49 24.12
N ARG G 186 -1.61 9.57 25.45
CA ARG G 186 -0.58 10.30 26.16
C ARG G 186 -0.34 9.55 27.45
N GLY G 187 0.92 9.35 27.79
CA GLY G 187 1.25 8.54 28.95
C GLY G 187 1.09 7.07 28.67
N PRO H 18 -11.20 10.91 0.50
CA PRO H 18 -10.97 11.94 1.52
C PRO H 18 -9.72 12.76 1.20
N MET H 19 -9.87 14.05 0.91
CA MET H 19 -8.75 14.87 0.49
C MET H 19 -8.81 16.25 1.13
N ASP H 20 -7.63 16.84 1.36
CA ASP H 20 -7.55 18.18 1.91
C ASP H 20 -8.09 19.17 0.90
N THR H 21 -9.11 19.95 1.30
CA THR H 21 -9.72 20.88 0.34
C THR H 21 -8.79 22.06 0.06
N GLU H 22 -8.06 22.54 1.07
CA GLU H 22 -7.15 23.65 0.83
C GLU H 22 -6.01 23.23 -0.11
N GLU H 23 -5.70 21.94 -0.14
CA GLU H 23 -4.81 21.44 -1.19
C GLU H 23 -5.53 21.40 -2.53
N ALA H 24 -6.81 21.01 -2.53
CA ALA H 24 -7.57 20.99 -3.77
C ALA H 24 -7.77 22.39 -4.32
N GLU H 25 -8.15 23.34 -3.45
CA GLU H 25 -8.37 24.71 -3.91
C GLU H 25 -7.10 25.34 -4.46
N GLU H 26 -5.93 24.96 -3.92
CA GLU H 26 -4.68 25.47 -4.45
C GLU H 26 -4.14 24.65 -5.61
N LEU H 27 -4.65 23.43 -5.81
CA LEU H 27 -4.19 22.61 -6.93
C LEU H 27 -4.90 23.01 -8.22
N VAL H 28 -6.20 23.28 -8.15
CA VAL H 28 -6.96 23.73 -9.30
C VAL H 28 -6.70 25.20 -9.58
N ARG H 29 -6.55 26.02 -8.54
CA ARG H 29 -6.20 27.41 -8.77
C ARG H 29 -4.82 27.50 -9.43
N GLN H 30 -3.94 26.56 -9.09
CA GLN H 30 -2.72 26.41 -9.87
C GLN H 30 -3.03 26.07 -11.31
N TRP H 31 -4.03 25.22 -11.54
CA TRP H 31 -4.41 24.84 -12.90
C TRP H 31 -5.07 25.98 -13.65
N GLU H 32 -6.11 26.58 -13.06
CA GLU H 32 -6.80 27.67 -13.74
C GLU H 32 -5.81 28.76 -14.15
N ASN H 33 -4.86 29.05 -13.26
CA ASN H 33 -3.78 29.97 -13.60
C ASN H 33 -2.87 29.38 -14.68
N VAL H 34 -2.69 28.06 -14.71
CA VAL H 34 -1.89 27.45 -15.78
C VAL H 34 -2.68 27.44 -17.08
N LYS H 35 -4.00 27.25 -16.98
CA LYS H 35 -4.85 27.40 -18.17
C LYS H 35 -4.73 28.80 -18.74
N ALA H 36 -4.77 29.81 -17.88
CA ALA H 36 -4.66 31.19 -18.34
C ALA H 36 -3.30 31.44 -18.97
N GLU H 37 -2.23 30.94 -18.35
CA GLU H 37 -0.91 31.14 -18.91
C GLU H 37 -0.78 30.47 -20.27
N ALA H 38 -1.48 29.36 -20.48
CA ALA H 38 -1.45 28.71 -21.78
C ALA H 38 -2.32 29.45 -22.79
N LEU H 39 -3.57 29.71 -22.44
CA LEU H 39 -4.49 30.40 -23.32
C LEU H 39 -4.41 31.89 -23.00
N GLY H 40 -3.79 32.64 -23.89
CA GLY H 40 -3.48 34.01 -23.60
C GLY H 40 -2.27 34.45 -24.40
N PRO H 41 -1.94 35.74 -24.31
CA PRO H 41 -0.91 36.29 -25.20
C PRO H 41 0.49 35.78 -24.92
N THR H 42 0.73 35.24 -23.71
CA THR H 42 1.96 34.50 -23.45
C THR H 42 2.10 33.31 -24.38
N HIS H 43 0.99 32.61 -24.62
CA HIS H 43 0.93 31.47 -25.52
C HIS H 43 1.97 30.42 -25.14
N GLN H 44 1.89 29.99 -23.88
CA GLN H 44 2.76 28.93 -23.38
C GLN H 44 1.94 27.65 -23.38
N VAL H 45 2.19 26.78 -24.35
CA VAL H 45 1.46 25.53 -24.40
C VAL H 45 2.09 24.52 -23.45
N TYR H 46 3.42 24.47 -23.41
CA TYR H 46 4.14 23.56 -22.54
C TYR H 46 3.81 23.77 -21.07
N SER H 47 3.27 24.93 -20.70
CA SER H 47 2.83 25.14 -19.33
C SER H 47 1.85 24.06 -18.89
N LEU H 48 1.06 23.56 -19.83
CA LEU H 48 0.19 22.41 -19.57
C LEU H 48 0.97 21.24 -18.99
N SER H 49 2.13 20.93 -19.57
CA SER H 49 2.91 19.77 -19.12
C SER H 49 3.14 19.79 -17.62
N GLU H 50 3.15 20.97 -16.99
CA GLU H 50 3.24 21.05 -15.54
C GLU H 50 2.11 20.30 -14.87
N VAL H 51 0.88 20.84 -14.91
CA VAL H 51 -0.23 20.27 -14.16
C VAL H 51 -1.19 19.43 -15.01
N LEU H 52 -0.93 19.23 -16.31
CA LEU H 52 -1.83 18.48 -17.19
C LEU H 52 -1.15 17.22 -17.72
N ASP H 53 -1.93 16.15 -17.83
CA ASP H 53 -1.45 14.89 -18.41
C ASP H 53 -2.62 14.14 -19.04
N GLU H 54 -2.31 13.00 -19.66
CA GLU H 54 -3.28 12.01 -20.15
C GLU H 54 -4.29 12.69 -21.07
N SER H 55 -5.59 12.49 -20.89
CA SER H 55 -6.57 12.94 -21.87
C SER H 55 -6.66 14.47 -21.89
N MET H 56 -6.61 15.11 -20.71
CA MET H 56 -6.88 16.55 -20.65
C MET H 56 -5.77 17.35 -21.32
N LEU H 57 -4.51 16.96 -21.10
CA LEU H 57 -3.40 17.68 -21.73
C LEU H 57 -3.57 17.76 -23.24
N VAL H 58 -4.00 16.66 -23.86
CA VAL H 58 -4.09 16.60 -25.32
C VAL H 58 -5.01 17.68 -25.86
N GLN H 59 -6.26 17.70 -25.39
CA GLN H 59 -7.23 18.65 -25.92
C GLN H 59 -6.78 20.09 -25.65
N TRP H 60 -6.32 20.37 -24.42
CA TRP H 60 -5.85 21.70 -24.11
C TRP H 60 -4.52 22.02 -24.77
N GLN H 61 -3.73 21.01 -25.12
CA GLN H 61 -2.54 21.27 -25.92
C GLN H 61 -2.95 21.73 -27.32
N THR H 62 -3.93 21.05 -27.92
CA THR H 62 -4.43 21.50 -29.21
C THR H 62 -5.11 22.86 -29.09
N LEU H 63 -5.95 23.06 -28.08
CA LEU H 63 -6.69 24.30 -27.95
C LEU H 63 -5.74 25.49 -27.74
N ALA H 64 -4.73 25.31 -26.90
CA ALA H 64 -3.76 26.40 -26.74
C ALA H 64 -3.02 26.65 -28.03
N GLN H 65 -2.74 25.59 -28.80
CA GLN H 65 -2.08 25.74 -30.08
C GLN H 65 -3.03 26.18 -31.18
N THR H 66 -4.33 25.90 -31.03
CA THR H 66 -5.31 26.36 -32.01
C THR H 66 -5.49 27.87 -31.92
N ALA H 67 -5.77 28.38 -30.71
CA ALA H 67 -5.83 29.82 -30.53
C ALA H 67 -4.52 30.47 -30.94
N GLU H 68 -3.40 29.78 -30.75
CA GLU H 68 -2.14 30.26 -31.25
C GLU H 68 -2.05 30.15 -32.77
N ALA H 69 -2.87 29.30 -33.39
CA ALA H 69 -2.84 29.19 -34.84
C ALA H 69 -3.58 30.36 -35.48
N LYS H 70 -4.75 30.69 -34.97
CA LYS H 70 -5.53 31.84 -35.45
C LYS H 70 -5.08 33.14 -34.82
N SER H 71 -4.01 33.12 -34.03
CA SER H 71 -3.44 34.29 -33.36
C SER H 71 -4.48 34.98 -32.50
N CYS H 72 -5.21 34.17 -31.75
CA CYS H 72 -6.16 34.62 -30.76
C CYS H 72 -5.76 34.09 -29.40
N TYR H 73 -6.28 34.75 -28.36
CA TYR H 73 -5.82 34.47 -27.01
C TYR H 73 -6.95 34.78 -26.05
N TRP H 74 -6.93 34.11 -24.91
CA TRP H 74 -7.96 34.28 -23.90
C TRP H 74 -7.48 35.19 -22.79
N ARG H 75 -8.41 35.95 -22.22
CA ARG H 75 -8.18 36.70 -21.00
C ARG H 75 -9.12 36.14 -19.95
N PHE H 76 -8.56 35.45 -18.95
CA PHE H 76 -9.32 34.74 -17.92
C PHE H 76 -9.32 35.52 -16.61
N VAL H 77 -10.45 35.46 -15.91
CA VAL H 77 -10.53 35.94 -14.53
C VAL H 77 -11.34 34.91 -13.75
N LEU H 78 -10.72 34.30 -12.75
CA LEU H 78 -11.41 33.34 -11.89
C LEU H 78 -11.96 34.11 -10.70
N LEU H 79 -13.28 34.19 -10.61
CA LEU H 79 -13.89 34.95 -9.53
C LEU H 79 -13.79 34.19 -8.22
N HIS H 80 -14.45 33.03 -8.11
CA HIS H 80 -14.14 32.18 -6.97
C HIS H 80 -14.37 30.72 -7.32
N LEU H 81 -13.56 29.86 -6.70
CA LEU H 81 -13.72 28.43 -6.77
C LEU H 81 -14.00 27.88 -5.38
N GLU H 82 -14.72 26.76 -5.34
CA GLU H 82 -15.00 26.05 -4.11
C GLU H 82 -14.96 24.56 -4.42
N VAL H 83 -14.32 23.79 -3.55
CA VAL H 83 -14.28 22.35 -3.71
C VAL H 83 -15.45 21.79 -2.89
N LEU H 84 -16.44 21.24 -3.59
CA LEU H 84 -17.61 20.70 -2.91
C LEU H 84 -17.32 19.31 -2.35
N GLN H 85 -16.72 18.43 -3.16
CA GLN H 85 -16.29 17.12 -2.69
C GLN H 85 -14.90 16.82 -3.22
N ALA H 86 -13.97 16.56 -2.30
CA ALA H 86 -12.61 16.14 -2.62
C ALA H 86 -12.41 14.76 -2.02
N HIS H 87 -12.12 13.78 -2.88
CA HIS H 87 -12.04 12.39 -2.45
C HIS H 87 -10.90 11.69 -3.16
N ILE H 88 -10.28 10.75 -2.45
CA ILE H 88 -9.17 9.96 -2.97
C ILE H 88 -9.62 8.52 -3.10
N PHE H 89 -9.36 7.93 -4.26
CA PHE H 89 -9.52 6.50 -4.48
C PHE H 89 -8.29 6.02 -5.24
N GLU H 90 -7.99 4.74 -5.07
CA GLU H 90 -6.95 4.08 -5.83
C GLU H 90 -7.59 2.83 -6.41
N ASP H 91 -7.58 2.69 -7.74
CA ASP H 91 -8.18 1.53 -8.38
C ASP H 91 -7.09 0.61 -8.89
N GLY H 92 -7.18 -0.66 -8.52
CA GLY H 92 -6.17 -1.63 -8.89
C GLY H 92 -4.88 -1.40 -8.13
N ILE H 93 -3.84 -2.03 -8.65
CA ILE H 93 -2.51 -1.92 -8.06
C ILE H 93 -1.73 -0.73 -8.58
N ALA H 94 -2.12 -0.19 -9.73
CA ALA H 94 -1.29 0.75 -10.48
C ALA H 94 -2.00 2.09 -10.52
N GLY H 95 -1.41 3.08 -9.89
CA GLY H 95 -1.88 4.44 -9.95
C GLY H 95 -2.64 4.88 -8.71
N GLU H 96 -2.53 6.16 -8.41
CA GLU H 96 -3.36 6.85 -7.44
C GLU H 96 -4.11 7.94 -8.18
N ALA H 97 -5.39 8.11 -7.86
CA ALA H 97 -6.23 9.06 -8.58
C ALA H 97 -7.11 9.81 -7.61
N ALA H 98 -7.66 10.93 -8.07
CA ALA H 98 -8.56 11.71 -7.22
C ALA H 98 -9.62 12.40 -8.05
N GLU H 99 -10.83 12.43 -7.50
CA GLU H 99 -11.95 13.19 -8.07
C GLU H 99 -12.14 14.45 -7.24
N ILE H 100 -12.23 15.59 -7.91
CA ILE H 100 -12.43 16.88 -7.26
C ILE H 100 -13.61 17.55 -7.93
N GLU H 101 -14.70 17.75 -7.18
CA GLU H 101 -15.83 18.53 -7.67
C GLU H 101 -15.61 19.98 -7.26
N ALA H 102 -15.45 20.85 -8.25
CA ALA H 102 -15.07 22.24 -8.00
C ALA H 102 -16.16 23.17 -8.54
N LEU H 103 -16.80 23.92 -7.65
CA LEU H 103 -17.72 24.97 -8.08
C LEU H 103 -16.91 26.17 -8.53
N LEU H 104 -17.04 26.52 -9.80
CA LEU H 104 -16.14 27.44 -10.46
C LEU H 104 -16.95 28.54 -11.09
N GLU H 105 -16.69 29.79 -10.70
CA GLU H 105 -17.36 30.94 -11.28
C GLU H 105 -16.29 31.82 -11.92
N GLU H 106 -16.28 31.85 -13.25
CA GLU H 106 -15.22 32.52 -13.99
C GLU H 106 -15.82 33.25 -15.18
N ALA H 107 -14.99 34.11 -15.78
CA ALA H 107 -15.38 34.83 -16.98
C ALA H 107 -14.15 35.01 -17.85
N ALA H 108 -14.33 34.95 -19.16
CA ALA H 108 -13.21 35.08 -20.09
C ALA H 108 -13.70 35.68 -21.40
N GLU H 109 -12.80 36.38 -22.07
CA GLU H 109 -13.06 37.03 -23.35
C GLU H 109 -11.99 36.59 -24.33
N LEU H 110 -12.40 36.25 -25.55
CA LEU H 110 -11.46 35.90 -26.62
C LEU H 110 -11.20 37.14 -27.45
N VAL H 111 -9.98 37.67 -27.36
CA VAL H 111 -9.59 38.80 -28.18
C VAL H 111 -9.15 38.25 -29.53
N ASP H 112 -9.83 38.69 -30.59
CA ASP H 112 -9.53 38.21 -31.92
C ASP H 112 -9.21 39.40 -32.81
N GLU H 113 -8.34 39.19 -33.79
CA GLU H 113 -8.09 40.25 -34.77
C GLU H 113 -9.18 40.32 -35.82
N SER H 114 -9.79 39.17 -36.16
CA SER H 114 -10.76 39.13 -37.25
C SER H 114 -12.10 39.73 -36.86
N GLN H 115 -12.57 39.44 -35.65
CA GLN H 115 -13.85 39.95 -35.14
C GLN H 115 -13.61 40.56 -33.76
N PRO H 116 -12.97 41.74 -33.69
CA PRO H 116 -12.46 42.23 -32.40
C PRO H 116 -13.56 42.61 -31.42
N LYS H 117 -13.35 42.20 -30.16
CA LYS H 117 -14.07 42.59 -28.95
C LYS H 117 -15.44 41.93 -28.83
N ASN H 118 -15.94 41.23 -29.85
CA ASN H 118 -17.28 40.65 -29.77
C ASN H 118 -17.37 39.61 -28.65
N ALA H 119 -16.26 38.96 -28.32
CA ALA H 119 -16.27 37.79 -27.46
C ALA H 119 -16.35 38.15 -25.99
N LYS H 120 -17.01 37.27 -25.22
CA LYS H 120 -17.13 37.34 -23.77
C LYS H 120 -17.96 36.14 -23.31
N TYR H 121 -17.76 35.75 -22.05
CA TYR H 121 -18.68 34.83 -21.37
C TYR H 121 -18.51 35.01 -19.87
N TYR H 122 -19.59 34.73 -19.14
CA TYR H 122 -19.57 34.67 -17.68
C TYR H 122 -20.31 33.39 -17.30
N SER H 123 -19.59 32.45 -16.71
CA SER H 123 -20.15 31.16 -16.33
C SER H 123 -20.00 30.96 -14.83
N THR H 124 -21.00 30.33 -14.23
CA THR H 124 -20.93 29.86 -12.86
C THR H 124 -21.41 28.41 -12.86
N TYR H 125 -20.50 27.50 -12.49
CA TYR H 125 -20.70 26.08 -12.78
C TYR H 125 -19.83 25.24 -11.87
N LYS H 126 -20.20 23.97 -11.74
CA LYS H 126 -19.36 22.98 -11.08
C LYS H 126 -18.81 22.02 -12.12
N ILE H 127 -17.60 21.54 -11.84
CA ILE H 127 -16.84 20.72 -12.77
C ILE H 127 -16.13 19.63 -11.97
N ARG H 128 -16.07 18.42 -12.53
CA ARG H 128 -15.47 17.28 -11.85
C ARG H 128 -14.16 16.93 -12.56
N TYR H 129 -13.06 16.92 -11.80
CA TYR H 129 -11.72 16.70 -12.32
C TYR H 129 -11.21 15.33 -11.88
N ILE H 130 -10.68 14.58 -12.84
CA ILE H 130 -9.95 13.34 -12.58
C ILE H 130 -8.48 13.61 -12.83
N LEU H 131 -7.64 13.23 -11.89
CA LEU H 131 -6.21 13.47 -12.01
C LEU H 131 -5.42 12.32 -11.41
N LYS H 132 -4.25 12.08 -11.98
CA LYS H 132 -3.34 11.02 -11.57
C LYS H 132 -2.19 11.62 -10.77
N LYS H 133 -1.71 10.85 -9.79
CA LYS H 133 -0.55 11.24 -9.00
C LYS H 133 0.70 10.69 -9.69
N GLN H 134 1.54 11.58 -10.20
CA GLN H 134 2.82 11.16 -10.71
C GLN H 134 3.61 10.55 -9.56
N GLU H 135 4.56 9.64 -9.88
CA GLU H 135 5.35 9.04 -8.83
C GLU H 135 6.03 10.10 -7.98
N ASP H 136 6.25 11.27 -8.58
CA ASP H 136 6.69 12.45 -7.88
C ASP H 136 5.67 12.98 -6.89
N GLY H 137 4.43 12.49 -6.94
CA GLY H 137 3.37 13.10 -6.16
C GLY H 137 2.89 14.42 -6.71
N LEU H 138 3.09 14.67 -8.01
CA LEU H 138 2.83 15.97 -8.58
C LEU H 138 1.34 16.27 -8.72
N TRP H 139 0.49 15.26 -8.77
CA TRP H 139 -0.95 15.46 -8.95
C TRP H 139 -1.24 16.28 -10.21
N LYS H 140 -0.76 15.75 -11.34
CA LYS H 140 -1.12 16.32 -12.63
C LYS H 140 -2.55 15.92 -13.00
N PHE H 141 -3.20 16.78 -13.79
CA PHE H 141 -4.61 16.58 -14.17
C PHE H 141 -4.74 15.65 -15.35
N CYS H 142 -5.77 14.81 -15.32
CA CYS H 142 -5.92 13.71 -16.25
C CYS H 142 -7.06 13.94 -17.26
N GLN H 143 -8.29 14.08 -16.78
CA GLN H 143 -9.44 14.33 -17.64
C GLN H 143 -10.51 15.01 -16.80
N SER H 144 -11.41 15.74 -17.45
CA SER H 144 -12.56 16.28 -16.73
C SER H 144 -13.72 16.52 -17.68
N ASP H 145 -14.90 16.70 -17.07
CA ASP H 145 -16.13 17.04 -17.78
C ASP H 145 -16.92 18.01 -16.91
N ILE H 146 -17.45 19.05 -17.54
CA ILE H 146 -18.29 20.03 -16.86
C ILE H 146 -19.73 19.53 -16.84
N GLN H 147 -20.39 19.68 -15.70
CA GLN H 147 -21.70 19.07 -15.50
C GLN H 147 -22.80 19.99 -16.03
N ILE H 148 -23.71 19.43 -16.83
CA ILE H 148 -24.79 20.20 -17.44
C ILE H 148 -25.97 20.39 -16.49
N GLN H 149 -26.10 19.54 -15.48
CA GLN H 149 -27.20 19.60 -14.51
C GLN H 149 -28.55 19.37 -15.20
N LEU H 180 -12.42 30.00 -33.38
CA LEU H 180 -13.70 29.42 -33.06
C LEU H 180 -14.25 29.92 -31.72
N ASP H 181 -15.00 29.05 -31.03
CA ASP H 181 -15.89 29.49 -29.96
C ASP H 181 -15.11 30.05 -28.78
N VAL H 182 -15.75 30.98 -28.06
CA VAL H 182 -15.12 31.65 -26.92
C VAL H 182 -15.45 30.99 -25.60
N MET H 183 -16.43 30.09 -25.58
CA MET H 183 -16.73 29.31 -24.40
C MET H 183 -15.94 28.01 -24.36
N MET H 184 -14.99 27.82 -25.27
CA MET H 184 -14.30 26.54 -25.35
C MET H 184 -13.50 26.24 -24.09
N ALA H 185 -12.90 27.25 -23.46
CA ALA H 185 -12.19 27.00 -22.21
C ALA H 185 -13.09 27.47 -21.08
N ARG H 186 -13.86 26.51 -20.55
CA ARG H 186 -14.58 26.67 -19.29
C ARG H 186 -13.95 25.86 -18.17
N GLY H 187 -12.89 25.10 -18.45
CA GLY H 187 -12.26 24.24 -17.46
C GLY H 187 -11.84 24.98 -16.20
#